data_8GOM
#
_entry.id   8GOM
#
_cell.length_a   147.416
_cell.length_b   147.416
_cell.length_c   178.520
_cell.angle_alpha   90.000
_cell.angle_beta   90.000
_cell.angle_gamma   120.000
#
_symmetry.space_group_name_H-M   'P 65 2 2'
#
loop_
_entity.id
_entity.type
_entity.pdbx_description
1 polymer 'MHC class I antigen'
2 polymer Beta-2-microglobulin
3 polymer 'Spike protein S2'
4 polymer 'SARS-CoV-2 specific private TCR RLQ7 alpha'
5 polymer 'SARS-CoV-2 specific private TCR RLQ7 beta'
6 non-polymer 'TETRAETHYLENE GLYCOL'
7 water water
#
loop_
_entity_poly.entity_id
_entity_poly.type
_entity_poly.pdbx_seq_one_letter_code
_entity_poly.pdbx_strand_id
1 'polypeptide(L)'
;MGSHSMRYFFTSVSRPGRGEPRFIAVGYVDDTQFVRFDSDAASQRMEPRAPWIEQEGPEYWDGETRKVKAHSQTHRVDLG
TLRGYYNQSEAGSHTVQRMYGCDVGSDWRFLRGYHQYAYDGKDYIALKEDLRSWTAADMAAQTTKHKWEAAHVAEQLRAY
LEGTCVEWLRRYLENGKETLQRTDAPKTHMTHHAVSDHEATLRCWALSFYPAEITLTWQRDGEDQTQDTELVETRPAGDG
TFQKWAAVVVPSGQEQRYTCHVQHEGLPKPLTLRWE
;
A
2 'polypeptide(L)'
;MIQRTPKIQVYSRHPAENGKSNFLNCYVSGFHPSDIEVDLLKNGERIEKVEHSDLSFSKDWSFYLLYYTEFTPTEKDEYA
CRVNHVTLSQPKIVKWDRDM
;
B
3 'polypeptide(L)' RLQSLQTYV C
4 'polypeptide(L)'
;MAQTVTQSQPEMSVQEAETVTLSCTYDTSESDYYLFWYKQPPSRQMILVIRQEAYKQQNATENRFSVNFQKAAKSFSLKI
SDSQLGDAAMYFCASSGNTPLVFGKGTRLSVIPNIQNPDPAVYQLRDSKSSDKSVCLFTDFDSQTNVSQSKDSDVYITDK
CVLDMRSMDFKSNSAVAWSNKSDFACANAFNNSIIPEDTFFPSPESS
;
D
5 'polypeptide(L)'
;MDAGVIQSPRHEVTEMGQEVTLRCKPISGHNSLFWYRQTMMRGLELLIYFNNNVPIDDSGMPEDRFSAKMPNASFSTLKI
QPSEPRDSAVYFCASTWGRASTDTQYFGPGTRLTVLEDLKNVFPPEVAVFEPSEAEISHTQKATLVCLATGFYPDHVELS
WWVNGKEVHSGVCTDPQPLKEQPALNDSRYALSSRLRVSATFWQNPRNHFRCQVQFYGLSENDEWTQDRAKPVTQIVSAE
AWGRAD
;
E
#
loop_
_chem_comp.id
_chem_comp.type
_chem_comp.name
_chem_comp.formula
PG4 non-polymer 'TETRAETHYLENE GLYCOL' 'C8 H18 O5'
#
# COMPACT_ATOMS: atom_id res chain seq x y z
N GLY A 2 -17.54 -26.35 -19.73
CA GLY A 2 -16.29 -26.02 -20.37
C GLY A 2 -15.29 -25.43 -19.41
N SER A 3 -14.02 -25.39 -19.83
CA SER A 3 -12.96 -24.79 -19.03
C SER A 3 -12.90 -23.29 -19.30
N HIS A 4 -12.54 -22.53 -18.27
CA HIS A 4 -12.59 -21.08 -18.33
C HIS A 4 -11.34 -20.48 -17.72
N SER A 5 -11.15 -19.19 -17.96
CA SER A 5 -9.99 -18.48 -17.45
C SER A 5 -10.30 -17.00 -17.28
N MET A 6 -9.64 -16.38 -16.29
CA MET A 6 -9.60 -14.93 -16.12
C MET A 6 -8.18 -14.45 -16.32
N ARG A 7 -8.00 -13.36 -17.05
CA ARG A 7 -6.68 -12.87 -17.39
C ARG A 7 -6.65 -11.35 -17.33
N TYR A 8 -5.57 -10.80 -16.79
CA TYR A 8 -5.34 -9.36 -16.78
C TYR A 8 -4.08 -9.04 -17.60
N PHE A 9 -4.12 -7.93 -18.33
CA PHE A 9 -3.03 -7.52 -19.20
C PHE A 9 -2.66 -6.07 -18.87
N PHE A 10 -1.39 -5.84 -18.56
CA PHE A 10 -0.88 -4.50 -18.29
C PHE A 10 0.11 -4.11 -19.38
N THR A 11 0.00 -2.87 -19.85
CA THR A 11 0.96 -2.32 -20.81
C THR A 11 1.28 -0.88 -20.43
N SER A 12 2.55 -0.60 -20.21
CA SER A 12 3.04 0.75 -19.94
C SER A 12 4.05 1.14 -21.00
N VAL A 13 3.88 2.32 -21.57
CA VAL A 13 4.72 2.81 -22.66
C VAL A 13 5.29 4.15 -22.25
N SER A 14 6.60 4.21 -22.08
CA SER A 14 7.26 5.49 -21.83
C SER A 14 7.20 6.36 -23.08
N ARG A 15 7.17 7.67 -22.86
CA ARG A 15 7.21 8.65 -23.95
C ARG A 15 8.03 9.84 -23.48
N PRO A 16 9.36 9.73 -23.53
CA PRO A 16 10.22 10.79 -22.98
C PRO A 16 9.96 12.14 -23.64
N GLY A 17 9.73 13.15 -22.81
CA GLY A 17 9.48 14.50 -23.28
C GLY A 17 8.05 14.83 -23.59
N ARG A 18 7.14 13.84 -23.56
CA ARG A 18 5.74 14.07 -23.90
C ARG A 18 4.80 13.68 -22.76
N GLY A 19 5.30 13.64 -21.53
CA GLY A 19 4.47 13.41 -20.37
C GLY A 19 4.74 12.08 -19.70
N GLU A 20 3.88 11.76 -18.73
CA GLU A 20 3.99 10.51 -17.99
C GLU A 20 3.70 9.32 -18.92
N PRO A 21 4.25 8.14 -18.61
CA PRO A 21 3.97 6.97 -19.44
C PRO A 21 2.48 6.62 -19.47
N ARG A 22 2.03 6.14 -20.64
CA ARG A 22 0.67 5.67 -20.78
C ARG A 22 0.55 4.26 -20.22
N PHE A 23 -0.49 4.02 -19.43
CA PHE A 23 -0.75 2.72 -18.81
C PHE A 23 -2.13 2.23 -19.23
N ILE A 24 -2.19 1.05 -19.82
CA ILE A 24 -3.44 0.42 -20.22
C ILE A 24 -3.57 -0.89 -19.47
N ALA A 25 -4.73 -1.10 -18.84
CA ALA A 25 -5.04 -2.35 -18.15
C ALA A 25 -6.33 -2.92 -18.72
N VAL A 26 -6.33 -4.20 -19.05
CA VAL A 26 -7.48 -4.86 -19.64
C VAL A 26 -7.74 -6.15 -18.88
N GLY A 27 -9.01 -6.45 -18.64
CA GLY A 27 -9.42 -7.69 -17.98
C GLY A 27 -10.24 -8.56 -18.91
N TYR A 28 -10.01 -9.88 -18.83
CA TYR A 28 -10.62 -10.83 -19.74
C TYR A 28 -11.13 -12.04 -18.98
N VAL A 29 -12.35 -12.46 -19.30
CA VAL A 29 -12.82 -13.81 -19.00
C VAL A 29 -13.00 -14.52 -20.34
N ASP A 30 -12.26 -15.62 -20.53
CA ASP A 30 -12.19 -16.33 -21.82
C ASP A 30 -11.83 -15.30 -22.87
N ASP A 31 -12.57 -15.19 -23.97
CA ASP A 31 -12.29 -14.23 -25.02
C ASP A 31 -13.08 -12.93 -24.87
N THR A 32 -13.75 -12.75 -23.73
CA THR A 32 -14.59 -11.58 -23.49
C THR A 32 -13.85 -10.59 -22.60
N GLN A 33 -13.58 -9.41 -23.14
CA GLN A 33 -13.04 -8.32 -22.33
C GLN A 33 -14.16 -7.72 -21.47
N PHE A 34 -13.88 -7.49 -20.19
CA PHE A 34 -14.91 -6.99 -19.29
C PHE A 34 -14.53 -5.77 -18.46
N VAL A 35 -13.25 -5.42 -18.32
CA VAL A 35 -12.86 -4.19 -17.64
C VAL A 35 -11.73 -3.53 -18.42
N ARG A 36 -11.44 -2.29 -18.04
CA ARG A 36 -10.49 -1.46 -18.78
C ARG A 36 -10.03 -0.31 -17.91
N PHE A 37 -8.75 0.05 -18.06
CA PHE A 37 -8.24 1.30 -17.50
C PHE A 37 -7.23 1.90 -18.46
N ASP A 38 -7.36 3.20 -18.72
CA ASP A 38 -6.47 3.94 -19.62
C ASP A 38 -6.05 5.22 -18.91
N SER A 39 -4.74 5.38 -18.70
CA SER A 39 -4.21 6.51 -17.93
C SER A 39 -4.43 7.84 -18.64
N ASP A 40 -4.63 7.85 -19.95
CA ASP A 40 -4.92 9.07 -20.66
C ASP A 40 -6.41 9.40 -20.71
N ALA A 41 -7.27 8.42 -20.44
CA ALA A 41 -8.71 8.64 -20.47
C ALA A 41 -9.12 9.65 -19.41
N ALA A 42 -10.32 10.21 -19.58
CA ALA A 42 -10.78 11.24 -18.67
C ALA A 42 -11.14 10.67 -17.30
N SER A 43 -11.93 9.60 -17.29
CA SER A 43 -12.59 9.15 -16.06
C SER A 43 -11.59 8.85 -14.94
N GLN A 44 -10.39 8.36 -15.27
CA GLN A 44 -9.41 7.92 -14.27
C GLN A 44 -9.99 6.86 -13.36
N ARG A 45 -10.86 6.01 -13.90
CA ARG A 45 -11.53 4.96 -13.15
C ARG A 45 -11.45 3.65 -13.92
N MET A 46 -11.53 2.55 -13.18
CA MET A 46 -11.72 1.25 -13.81
C MET A 46 -13.11 1.20 -14.42
N GLU A 47 -13.17 1.04 -15.73
CA GLU A 47 -14.48 1.15 -16.35
C GLU A 47 -15.00 -0.23 -16.78
N PRO A 48 -16.31 -0.45 -16.70
CA PRO A 48 -16.86 -1.72 -17.19
C PRO A 48 -16.85 -1.77 -18.71
N ARG A 49 -16.59 -2.97 -19.23
CA ARG A 49 -16.63 -3.21 -20.68
C ARG A 49 -17.51 -4.40 -21.04
N ALA A 50 -18.26 -4.94 -20.08
CA ALA A 50 -19.25 -5.98 -20.29
C ALA A 50 -20.44 -5.67 -19.42
N PRO A 51 -21.65 -6.07 -19.82
CA PRO A 51 -22.82 -5.73 -19.01
C PRO A 51 -22.91 -6.48 -17.70
N TRP A 52 -22.47 -7.74 -17.66
CA TRP A 52 -22.60 -8.52 -16.42
C TRP A 52 -21.70 -8.02 -15.31
N ILE A 53 -20.62 -7.30 -15.64
CA ILE A 53 -19.78 -6.73 -14.59
C ILE A 53 -20.39 -5.45 -14.02
N GLU A 54 -21.36 -4.86 -14.71
CA GLU A 54 -21.96 -3.61 -14.24
C GLU A 54 -22.77 -3.80 -12.97
N GLN A 55 -23.17 -5.02 -12.64
CA GLN A 55 -23.90 -5.32 -11.42
C GLN A 55 -22.99 -5.51 -10.22
N GLU A 56 -21.69 -5.24 -10.37
CA GLU A 56 -20.84 -5.06 -9.21
C GLU A 56 -21.09 -3.67 -8.63
N GLY A 57 -21.07 -3.57 -7.30
CA GLY A 57 -21.44 -2.36 -6.62
C GLY A 57 -20.38 -1.29 -6.71
N PRO A 58 -20.71 -0.12 -6.16
CA PRO A 58 -19.77 1.02 -6.25
C PRO A 58 -18.50 0.81 -5.46
N GLU A 59 -18.52 -0.02 -4.41
CA GLU A 59 -17.30 -0.27 -3.65
C GLU A 59 -16.34 -1.15 -4.42
N TYR A 60 -16.85 -2.08 -5.23
CA TYR A 60 -16.00 -2.86 -6.12
C TYR A 60 -15.24 -1.94 -7.08
N TRP A 61 -15.96 -1.01 -7.72
CA TRP A 61 -15.32 -0.12 -8.67
C TRP A 61 -14.37 0.86 -7.98
N ASP A 62 -14.65 1.22 -6.73
CA ASP A 62 -13.70 2.02 -5.96
C ASP A 62 -12.40 1.28 -5.73
N GLY A 63 -12.48 0.00 -5.35
CA GLY A 63 -11.28 -0.75 -5.04
C GLY A 63 -10.47 -1.11 -6.27
N GLU A 64 -11.15 -1.51 -7.35
CA GLU A 64 -10.44 -1.79 -8.60
C GLU A 64 -9.75 -0.53 -9.12
N THR A 65 -10.38 0.63 -8.94
CA THR A 65 -9.76 1.88 -9.36
C THR A 65 -8.55 2.20 -8.48
N ARG A 66 -8.63 1.90 -7.20
CA ARG A 66 -7.49 2.19 -6.32
C ARG A 66 -6.32 1.29 -6.71
N LYS A 67 -6.60 0.03 -6.98
CA LYS A 67 -5.52 -0.90 -7.33
C LYS A 67 -4.92 -0.53 -8.68
N VAL A 68 -5.73 -0.26 -9.67
CA VAL A 68 -5.18 -0.05 -11.01
C VAL A 68 -4.45 1.29 -11.11
N LYS A 69 -4.88 2.30 -10.35
CA LYS A 69 -4.15 3.56 -10.33
C LYS A 69 -2.76 3.38 -9.71
N ALA A 70 -2.68 2.61 -8.63
CA ALA A 70 -1.38 2.32 -8.02
C ALA A 70 -0.53 1.47 -8.95
N HIS A 71 -1.13 0.47 -9.60
CA HIS A 71 -0.38 -0.39 -10.51
C HIS A 71 0.17 0.38 -11.69
N SER A 72 -0.56 1.40 -12.17
CA SER A 72 -0.02 2.25 -13.23
C SER A 72 1.29 2.89 -12.80
N GLN A 73 1.39 3.29 -11.53
CA GLN A 73 2.58 3.99 -11.06
C GLN A 73 3.74 3.04 -10.79
N THR A 74 3.48 1.85 -10.23
CA THR A 74 4.55 0.89 -10.04
C THR A 74 5.23 0.56 -11.36
N HIS A 75 4.44 0.47 -12.44
CA HIS A 75 4.99 0.18 -13.74
C HIS A 75 5.67 1.39 -14.37
N ARG A 76 5.19 2.60 -14.04
CA ARG A 76 5.95 3.80 -14.36
C ARG A 76 7.34 3.74 -13.75
N VAL A 77 7.42 3.37 -12.46
CA VAL A 77 8.71 3.19 -11.82
C VAL A 77 9.51 2.10 -12.53
N ASP A 78 8.86 1.01 -12.88
CA ASP A 78 9.55 -0.12 -13.51
C ASP A 78 10.25 0.30 -14.78
N LEU A 79 9.61 1.15 -15.59
CA LEU A 79 10.23 1.65 -16.80
C LEU A 79 11.57 2.31 -16.50
N GLY A 80 11.62 3.15 -15.46
CA GLY A 80 12.89 3.76 -15.07
C GLY A 80 13.87 2.76 -14.51
N THR A 81 13.41 1.84 -13.66
CA THR A 81 14.30 0.82 -13.12
C THR A 81 14.91 -0.02 -14.22
N LEU A 82 14.09 -0.48 -15.16
CA LEU A 82 14.59 -1.34 -16.23
C LEU A 82 15.54 -0.58 -17.15
N ARG A 83 15.24 0.69 -17.43
CA ARG A 83 16.14 1.52 -18.24
C ARG A 83 17.54 1.55 -17.64
N GLY A 84 17.64 1.63 -16.32
CA GLY A 84 18.95 1.59 -15.68
C GLY A 84 19.59 0.22 -15.77
N TYR A 85 18.81 -0.84 -15.57
CA TYR A 85 19.33 -2.21 -15.64
C TYR A 85 20.04 -2.47 -16.96
N TYR A 86 19.62 -1.79 -18.04
CA TYR A 86 20.10 -2.06 -19.39
C TYR A 86 20.93 -0.92 -19.96
N ASN A 87 21.27 0.09 -19.16
CA ASN A 87 22.16 1.19 -19.57
C ASN A 87 21.59 1.96 -20.76
N GLN A 88 20.28 2.18 -20.75
CA GLN A 88 19.60 2.77 -21.89
C GLN A 88 19.41 4.26 -21.69
N SER A 89 19.52 5.01 -22.79
CA SER A 89 19.32 6.45 -22.72
C SER A 89 17.89 6.77 -22.34
N GLU A 90 17.68 7.99 -21.86
CA GLU A 90 16.36 8.49 -21.50
C GLU A 90 15.64 9.12 -22.69
N ALA A 91 16.09 8.85 -23.91
CA ALA A 91 15.46 9.39 -25.11
C ALA A 91 14.48 8.42 -25.74
N GLY A 92 14.70 7.12 -25.59
CA GLY A 92 13.90 6.14 -26.29
C GLY A 92 12.62 5.78 -25.57
N SER A 93 11.61 5.43 -26.37
CA SER A 93 10.37 4.86 -25.85
C SER A 93 10.56 3.37 -25.60
N HIS A 94 10.16 2.91 -24.42
CA HIS A 94 10.26 1.50 -24.06
C HIS A 94 8.93 1.04 -23.49
N THR A 95 8.77 -0.27 -23.44
CA THR A 95 7.48 -0.88 -23.12
C THR A 95 7.63 -1.86 -21.97
N VAL A 96 6.65 -1.84 -21.07
CA VAL A 96 6.53 -2.82 -20.00
C VAL A 96 5.21 -3.55 -20.17
N GLN A 97 5.25 -4.88 -20.03
CA GLN A 97 4.06 -5.69 -20.18
C GLN A 97 4.00 -6.71 -19.05
N ARG A 98 2.79 -6.93 -18.53
CA ARG A 98 2.57 -7.92 -17.50
C ARG A 98 1.24 -8.62 -17.75
N MET A 99 1.23 -9.93 -17.52
CA MET A 99 0.05 -10.76 -17.76
C MET A 99 -0.03 -11.83 -16.68
N TYR A 100 -1.17 -11.93 -16.02
CA TYR A 100 -1.38 -13.02 -15.06
C TYR A 100 -2.85 -13.46 -15.13
N GLY A 101 -3.12 -14.64 -14.60
CA GLY A 101 -4.48 -15.12 -14.55
C GLY A 101 -4.53 -16.56 -14.07
N CYS A 102 -5.75 -17.11 -14.12
CA CYS A 102 -5.99 -18.47 -13.65
C CYS A 102 -6.91 -19.21 -14.60
N ASP A 103 -6.57 -20.46 -14.88
CA ASP A 103 -7.40 -21.38 -15.62
C ASP A 103 -8.16 -22.27 -14.66
N VAL A 104 -9.42 -22.57 -14.98
CA VAL A 104 -10.19 -23.56 -14.24
C VAL A 104 -10.69 -24.61 -15.23
N GLY A 105 -10.79 -25.85 -14.75
CA GLY A 105 -11.41 -26.90 -15.52
C GLY A 105 -12.92 -26.73 -15.58
N SER A 106 -13.56 -27.70 -16.23
CA SER A 106 -15.00 -27.68 -16.33
C SER A 106 -15.69 -28.05 -15.02
N ASP A 107 -14.95 -28.56 -14.04
CA ASP A 107 -15.45 -28.62 -12.67
C ASP A 107 -15.25 -27.31 -11.93
N TRP A 108 -14.69 -26.30 -12.60
CA TRP A 108 -14.53 -24.92 -12.13
C TRP A 108 -13.56 -24.80 -10.97
N ARG A 109 -12.72 -25.80 -10.74
CA ARG A 109 -11.72 -25.73 -9.70
C ARG A 109 -10.35 -25.50 -10.30
N PHE A 110 -9.42 -25.07 -9.45
CA PHE A 110 -8.15 -24.52 -9.94
C PHE A 110 -7.40 -25.53 -10.80
N LEU A 111 -6.93 -25.06 -11.95
CA LEU A 111 -6.19 -25.89 -12.90
C LEU A 111 -4.77 -25.39 -13.11
N ARG A 112 -4.59 -24.10 -13.36
CA ARG A 112 -3.28 -23.59 -13.76
C ARG A 112 -3.23 -22.09 -13.50
N GLY A 113 -2.04 -21.63 -13.12
CA GLY A 113 -1.83 -20.21 -12.88
C GLY A 113 -0.61 -19.73 -13.64
N TYR A 114 -0.56 -18.42 -13.89
CA TYR A 114 0.52 -17.85 -14.67
C TYR A 114 0.71 -16.38 -14.29
N HIS A 115 1.95 -15.91 -14.43
CA HIS A 115 2.30 -14.52 -14.14
C HIS A 115 3.59 -14.21 -14.89
N GLN A 116 3.50 -13.38 -15.93
CA GLN A 116 4.62 -13.13 -16.82
C GLN A 116 4.87 -11.65 -16.94
N TYR A 117 6.16 -11.29 -17.06
CA TYR A 117 6.61 -9.92 -17.23
C TYR A 117 7.48 -9.83 -18.47
N ALA A 118 7.27 -8.78 -19.26
CA ALA A 118 8.06 -8.54 -20.46
C ALA A 118 8.54 -7.10 -20.48
N TYR A 119 9.77 -6.92 -20.95
CA TYR A 119 10.34 -5.59 -21.16
C TYR A 119 10.76 -5.49 -22.62
N ASP A 120 10.19 -4.51 -23.33
CA ASP A 120 10.49 -4.26 -24.74
C ASP A 120 10.14 -5.45 -25.62
N GLY A 121 8.98 -6.07 -25.34
CA GLY A 121 8.46 -7.11 -26.19
C GLY A 121 9.06 -8.48 -26.01
N LYS A 122 10.09 -8.63 -25.20
CA LYS A 122 10.72 -9.92 -24.97
C LYS A 122 10.59 -10.33 -23.51
N ASP A 123 10.78 -11.63 -23.26
CA ASP A 123 10.71 -12.18 -21.91
C ASP A 123 11.64 -11.43 -20.97
N TYR A 124 11.14 -11.14 -19.77
CA TYR A 124 11.97 -10.59 -18.70
C TYR A 124 12.01 -11.53 -17.50
N ILE A 125 10.93 -11.65 -16.75
CA ILE A 125 10.84 -12.61 -15.65
C ILE A 125 9.44 -13.23 -15.66
N ALA A 126 9.36 -14.50 -15.32
CA ALA A 126 8.08 -15.19 -15.32
C ALA A 126 8.07 -16.27 -14.24
N LEU A 127 6.88 -16.51 -13.70
CA LEU A 127 6.67 -17.59 -12.75
C LEU A 127 6.60 -18.93 -13.48
N LYS A 128 7.16 -19.96 -12.85
CA LYS A 128 7.09 -21.29 -13.41
C LYS A 128 5.72 -21.92 -13.13
N GLU A 129 5.42 -23.00 -13.85
CA GLU A 129 4.10 -23.63 -13.76
C GLU A 129 3.76 -24.01 -12.32
N ASP A 130 4.75 -24.41 -11.52
CA ASP A 130 4.48 -24.80 -10.14
C ASP A 130 4.12 -23.62 -9.25
N LEU A 131 4.28 -22.38 -9.75
CA LEU A 131 3.99 -21.16 -9.01
C LEU A 131 4.88 -20.99 -7.78
N ARG A 132 6.09 -21.56 -7.81
CA ARG A 132 7.00 -21.52 -6.67
C ARG A 132 8.36 -20.94 -6.98
N SER A 133 8.82 -21.01 -8.23
CA SER A 133 10.12 -20.49 -8.64
C SER A 133 9.95 -19.50 -9.77
N TRP A 134 11.08 -18.98 -10.25
CA TRP A 134 11.11 -17.92 -11.25
C TRP A 134 11.96 -18.34 -12.44
N THR A 135 11.60 -17.84 -13.61
CA THR A 135 12.41 -17.97 -14.82
C THR A 135 12.87 -16.57 -15.18
N ALA A 136 14.14 -16.27 -14.88
CA ALA A 136 14.74 -14.99 -15.26
C ALA A 136 15.38 -15.15 -16.64
N ALA A 137 15.01 -14.24 -17.56
CA ALA A 137 15.39 -14.41 -18.97
C ALA A 137 16.87 -14.15 -19.19
N ASP A 138 17.32 -12.92 -18.92
CA ASP A 138 18.73 -12.59 -18.99
C ASP A 138 19.28 -12.42 -17.58
N MET A 139 20.39 -11.69 -17.46
CA MET A 139 21.04 -11.50 -16.16
C MET A 139 20.49 -10.31 -15.39
N ALA A 140 19.97 -9.31 -16.10
CA ALA A 140 19.31 -8.21 -15.42
C ALA A 140 18.09 -8.69 -14.66
N ALA A 141 17.33 -9.62 -15.24
CA ALA A 141 16.17 -10.19 -14.56
C ALA A 141 16.57 -10.94 -13.30
N GLN A 142 17.81 -11.40 -13.20
CA GLN A 142 18.27 -12.05 -11.97
C GLN A 142 18.24 -11.09 -10.79
N THR A 143 18.48 -9.81 -11.05
CA THR A 143 18.33 -8.80 -10.00
C THR A 143 16.92 -8.81 -9.45
N THR A 144 15.92 -8.80 -10.34
CA THR A 144 14.53 -8.82 -9.90
C THR A 144 14.17 -10.15 -9.24
N LYS A 145 14.74 -11.24 -9.74
CA LYS A 145 14.47 -12.56 -9.15
C LYS A 145 14.88 -12.59 -7.69
N HIS A 146 16.07 -12.07 -7.37
CA HIS A 146 16.52 -12.04 -5.98
C HIS A 146 15.68 -11.08 -5.15
N LYS A 147 15.30 -9.94 -5.73
CA LYS A 147 14.42 -9.01 -5.04
C LYS A 147 13.09 -9.67 -4.67
N TRP A 148 12.50 -10.41 -5.61
CA TRP A 148 11.20 -11.00 -5.37
C TRP A 148 11.27 -12.28 -4.56
N GLU A 149 12.42 -12.94 -4.50
CA GLU A 149 12.56 -14.08 -3.62
C GLU A 149 12.74 -13.65 -2.17
N ALA A 150 13.39 -12.51 -1.94
CA ALA A 150 13.50 -11.98 -0.59
C ALA A 150 12.13 -11.55 -0.05
N ALA A 151 11.32 -10.90 -0.89
CA ALA A 151 9.99 -10.47 -0.49
C ALA A 151 8.97 -11.60 -0.53
N HIS A 152 9.39 -12.82 -0.89
CA HIS A 152 8.50 -13.99 -0.97
C HIS A 152 7.32 -13.73 -1.90
N VAL A 153 7.63 -13.17 -3.08
CA VAL A 153 6.59 -12.70 -3.98
C VAL A 153 5.83 -13.87 -4.59
N ALA A 154 6.54 -14.94 -4.97
CA ALA A 154 5.89 -16.09 -5.60
C ALA A 154 4.81 -16.68 -4.70
N GLU A 155 5.08 -16.78 -3.41
CA GLU A 155 4.09 -17.34 -2.49
C GLU A 155 2.85 -16.45 -2.40
N GLN A 156 3.00 -15.15 -2.65
CA GLN A 156 1.87 -14.23 -2.57
C GLN A 156 1.03 -14.26 -3.85
N LEU A 157 1.68 -14.29 -5.01
CA LEU A 157 0.95 -14.48 -6.25
C LEU A 157 0.21 -15.82 -6.25
N ARG A 158 0.88 -16.89 -5.82
CA ARG A 158 0.24 -18.19 -5.72
C ARG A 158 -1.03 -18.11 -4.86
N ALA A 159 -0.98 -17.33 -3.79
CA ALA A 159 -2.15 -17.20 -2.92
C ALA A 159 -3.30 -16.52 -3.64
N TYR A 160 -2.99 -15.54 -4.49
CA TYR A 160 -4.03 -14.85 -5.25
C TYR A 160 -4.59 -15.74 -6.34
N LEU A 161 -3.71 -16.41 -7.09
CA LEU A 161 -4.15 -17.19 -8.25
C LEU A 161 -5.01 -18.38 -7.83
N GLU A 162 -4.56 -19.13 -6.82
CA GLU A 162 -5.33 -20.27 -6.33
C GLU A 162 -6.54 -19.87 -5.51
N GLY A 163 -6.66 -18.59 -5.13
CA GLY A 163 -7.74 -18.16 -4.27
C GLY A 163 -8.63 -17.09 -4.87
N THR A 164 -8.21 -15.83 -4.78
CA THR A 164 -9.06 -14.73 -5.22
C THR A 164 -9.34 -14.81 -6.72
N CYS A 165 -8.32 -15.20 -7.48
CA CYS A 165 -8.46 -15.29 -8.93
C CYS A 165 -9.56 -16.28 -9.33
N VAL A 166 -9.49 -17.52 -8.84
CA VAL A 166 -10.46 -18.53 -9.24
C VAL A 166 -11.86 -18.20 -8.69
N GLU A 167 -11.92 -17.71 -7.44
CA GLU A 167 -13.23 -17.51 -6.82
C GLU A 167 -13.98 -16.36 -7.46
N TRP A 168 -13.27 -15.33 -7.94
CA TRP A 168 -13.95 -14.25 -8.65
C TRP A 168 -14.22 -14.61 -10.09
N LEU A 169 -13.42 -15.51 -10.67
CA LEU A 169 -13.75 -16.04 -12.00
C LEU A 169 -15.06 -16.82 -11.96
N ARG A 170 -15.26 -17.62 -10.90
CA ARG A 170 -16.53 -18.34 -10.75
C ARG A 170 -17.69 -17.37 -10.58
N ARG A 171 -17.48 -16.27 -9.85
CA ARG A 171 -18.55 -15.30 -9.67
C ARG A 171 -18.89 -14.61 -10.99
N TYR A 172 -17.88 -14.32 -11.81
CA TYR A 172 -18.13 -13.71 -13.11
C TYR A 172 -18.84 -14.67 -14.04
N LEU A 173 -18.49 -15.96 -13.98
CA LEU A 173 -19.14 -16.94 -14.83
C LEU A 173 -20.61 -17.13 -14.47
N GLU A 174 -20.98 -16.85 -13.21
CA GLU A 174 -22.38 -16.89 -12.83
C GLU A 174 -23.08 -15.57 -13.13
N ASN A 175 -22.40 -14.44 -12.86
CA ASN A 175 -22.98 -13.13 -13.12
C ASN A 175 -23.34 -12.97 -14.60
N GLY A 176 -22.61 -13.60 -15.50
CA GLY A 176 -22.90 -13.51 -16.92
C GLY A 176 -23.01 -14.86 -17.58
N LYS A 177 -23.83 -15.74 -17.00
CA LYS A 177 -23.97 -17.10 -17.52
C LYS A 177 -24.41 -17.10 -18.98
N GLU A 178 -25.31 -16.19 -19.35
CA GLU A 178 -25.82 -16.17 -20.71
C GLU A 178 -24.73 -15.79 -21.70
N THR A 179 -23.84 -14.86 -21.33
CA THR A 179 -22.77 -14.43 -22.21
C THR A 179 -21.60 -15.40 -22.18
N LEU A 180 -21.09 -15.72 -20.99
CA LEU A 180 -19.81 -16.38 -20.86
C LEU A 180 -19.88 -17.90 -21.01
N GLN A 181 -21.03 -18.52 -20.75
CA GLN A 181 -21.16 -19.97 -20.81
C GLN A 181 -21.80 -20.47 -22.10
N ARG A 182 -22.18 -19.58 -23.01
CA ARG A 182 -22.73 -20.01 -24.28
C ARG A 182 -21.65 -20.61 -25.17
N THR A 183 -22.07 -21.44 -26.12
CA THR A 183 -21.27 -21.79 -27.28
C THR A 183 -22.11 -21.47 -28.51
N ASP A 184 -21.60 -20.60 -29.37
CA ASP A 184 -22.26 -20.26 -30.62
C ASP A 184 -21.61 -21.06 -31.75
N ALA A 185 -22.37 -21.99 -32.33
CA ALA A 185 -21.86 -22.74 -33.47
C ALA A 185 -21.68 -21.81 -34.67
N PRO A 186 -20.67 -22.07 -35.51
CA PRO A 186 -20.37 -21.14 -36.61
C PRO A 186 -21.41 -21.21 -37.72
N LYS A 187 -21.74 -20.04 -38.26
CA LYS A 187 -22.57 -19.94 -39.46
C LYS A 187 -21.65 -20.08 -40.67
N THR A 188 -21.73 -21.22 -41.35
CA THR A 188 -20.79 -21.55 -42.41
C THR A 188 -21.47 -21.51 -43.77
N HIS A 189 -20.74 -20.97 -44.75
CA HIS A 189 -21.13 -21.01 -46.16
C HIS A 189 -19.85 -20.98 -46.98
N MET A 190 -19.96 -21.40 -48.24
CA MET A 190 -18.84 -21.41 -49.16
C MET A 190 -19.10 -20.48 -50.33
N THR A 191 -18.08 -19.70 -50.70
CA THR A 191 -18.14 -18.83 -51.85
C THR A 191 -17.18 -19.32 -52.93
N HIS A 192 -17.52 -18.97 -54.17
CA HIS A 192 -16.71 -19.32 -55.34
C HIS A 192 -16.45 -18.03 -56.10
N HIS A 193 -15.18 -17.72 -56.35
CA HIS A 193 -14.78 -16.49 -57.03
C HIS A 193 -13.86 -16.86 -58.19
N ALA A 194 -14.42 -16.85 -59.40
CA ALA A 194 -13.58 -16.97 -60.58
C ALA A 194 -12.66 -15.76 -60.68
N VAL A 195 -11.36 -16.03 -60.80
CA VAL A 195 -10.37 -14.97 -60.99
C VAL A 195 -9.65 -15.07 -62.33
N SER A 196 -9.66 -16.23 -62.99
CA SER A 196 -8.84 -16.49 -64.15
C SER A 196 -9.72 -16.89 -65.33
N ASP A 197 -9.07 -17.24 -66.44
CA ASP A 197 -9.75 -18.02 -67.48
C ASP A 197 -10.09 -19.40 -66.94
N HIS A 198 -9.14 -20.03 -66.24
CA HIS A 198 -9.25 -21.44 -65.90
C HIS A 198 -9.27 -21.75 -64.41
N GLU A 199 -8.80 -20.85 -63.53
CA GLU A 199 -8.65 -21.18 -62.11
C GLU A 199 -9.61 -20.39 -61.22
N ALA A 200 -9.95 -21.00 -60.07
CA ALA A 200 -10.96 -20.46 -59.19
C ALA A 200 -10.52 -20.57 -57.73
N THR A 201 -11.17 -19.76 -56.89
CA THR A 201 -10.96 -19.77 -55.45
C THR A 201 -12.22 -20.24 -54.76
N LEU A 202 -12.10 -21.31 -53.98
CA LEU A 202 -13.15 -21.75 -53.06
C LEU A 202 -12.83 -21.20 -51.67
N ARG A 203 -13.69 -20.32 -51.16
CA ARG A 203 -13.53 -19.75 -49.84
C ARG A 203 -14.59 -20.31 -48.91
N CYS A 204 -14.14 -20.81 -47.77
CA CYS A 204 -14.95 -21.51 -46.78
C CYS A 204 -15.07 -20.66 -45.53
N TRP A 205 -16.26 -20.15 -45.25
CA TRP A 205 -16.46 -19.18 -44.18
C TRP A 205 -16.96 -19.84 -42.89
N ALA A 206 -16.60 -19.21 -41.76
CA ALA A 206 -17.16 -19.53 -40.45
C ALA A 206 -17.41 -18.22 -39.72
N LEU A 207 -18.68 -17.93 -39.44
CA LEU A 207 -19.08 -16.65 -38.88
C LEU A 207 -19.82 -16.83 -37.56
N SER A 208 -19.75 -15.78 -36.75
CA SER A 208 -20.57 -15.62 -35.54
C SER A 208 -20.47 -16.81 -34.59
N PHE A 209 -19.24 -17.25 -34.34
CA PHE A 209 -19.04 -18.34 -33.39
C PHE A 209 -18.38 -17.83 -32.11
N TYR A 210 -18.55 -18.61 -31.05
CA TYR A 210 -17.95 -18.36 -29.74
C TYR A 210 -17.86 -19.70 -29.01
N PRO A 211 -16.72 -20.03 -28.40
CA PRO A 211 -15.47 -19.26 -28.30
C PRO A 211 -14.69 -19.18 -29.61
N ALA A 212 -13.49 -18.62 -29.55
CA ALA A 212 -12.70 -18.36 -30.77
C ALA A 212 -12.00 -19.60 -31.30
N GLU A 213 -12.00 -20.71 -30.57
CA GLU A 213 -11.25 -21.90 -30.98
C GLU A 213 -12.03 -22.63 -32.07
N ILE A 214 -11.51 -22.58 -33.29
CA ILE A 214 -12.09 -23.26 -34.43
C ILE A 214 -10.96 -23.87 -35.26
N THR A 215 -11.31 -24.85 -36.08
CA THR A 215 -10.35 -25.45 -37.02
C THR A 215 -10.99 -25.54 -38.39
N LEU A 216 -10.34 -24.93 -39.39
CA LEU A 216 -10.74 -25.03 -40.79
C LEU A 216 -9.63 -25.71 -41.55
N THR A 217 -9.94 -26.87 -42.15
CA THR A 217 -8.99 -27.56 -43.00
C THR A 217 -9.65 -27.90 -44.33
N TRP A 218 -8.83 -28.02 -45.36
CA TRP A 218 -9.29 -28.31 -46.71
C TRP A 218 -8.92 -29.73 -47.09
N GLN A 219 -9.83 -30.41 -47.78
CA GLN A 219 -9.62 -31.78 -48.23
C GLN A 219 -9.87 -31.87 -49.72
N ARG A 220 -9.02 -32.60 -50.41
CA ARG A 220 -9.20 -32.90 -51.83
C ARG A 220 -9.30 -34.40 -51.99
N ASP A 221 -10.42 -34.86 -52.54
CA ASP A 221 -10.70 -36.30 -52.71
C ASP A 221 -10.68 -37.01 -51.36
N GLY A 222 -11.17 -36.34 -50.33
CA GLY A 222 -11.13 -36.91 -48.99
C GLY A 222 -9.74 -37.04 -48.41
N GLU A 223 -8.77 -36.31 -48.96
CA GLU A 223 -7.41 -36.30 -48.46
C GLU A 223 -7.03 -34.88 -48.05
N ASP A 224 -6.31 -34.75 -46.95
CA ASP A 224 -5.93 -33.44 -46.45
C ASP A 224 -4.96 -32.75 -47.41
N GLN A 225 -5.06 -31.42 -47.47
CA GLN A 225 -4.22 -30.64 -48.38
C GLN A 225 -3.98 -29.26 -47.79
N THR A 226 -2.72 -28.92 -47.54
CA THR A 226 -2.34 -27.56 -47.23
C THR A 226 -1.81 -26.80 -48.43
N GLN A 227 -1.35 -27.51 -49.46
CA GLN A 227 -0.85 -26.86 -50.67
C GLN A 227 -1.94 -25.98 -51.29
N ASP A 228 -1.56 -24.73 -51.56
CA ASP A 228 -2.42 -23.77 -52.25
C ASP A 228 -3.59 -23.29 -51.39
N THR A 229 -3.43 -23.31 -50.07
CA THR A 229 -4.46 -22.86 -49.15
C THR A 229 -4.01 -21.59 -48.44
N GLU A 230 -4.97 -20.68 -48.23
CA GLU A 230 -4.77 -19.50 -47.40
C GLU A 230 -5.68 -19.61 -46.18
N LEU A 231 -5.11 -19.39 -45.01
CA LEU A 231 -5.86 -19.28 -43.76
C LEU A 231 -5.62 -17.91 -43.16
N VAL A 232 -6.68 -17.22 -42.78
CA VAL A 232 -6.58 -15.97 -42.04
C VAL A 232 -6.70 -16.28 -40.56
N GLU A 233 -6.07 -15.47 -39.73
CA GLU A 233 -6.18 -15.67 -38.30
C GLU A 233 -7.57 -15.27 -37.82
N THR A 234 -8.09 -16.02 -36.84
CA THR A 234 -9.41 -15.74 -36.28
C THR A 234 -9.49 -14.27 -35.86
N ARG A 235 -10.62 -13.65 -36.19
CA ARG A 235 -10.81 -12.23 -35.96
C ARG A 235 -12.15 -11.99 -35.28
N PRO A 236 -12.26 -10.89 -34.51
CA PRO A 236 -13.54 -10.58 -33.86
C PRO A 236 -14.47 -9.82 -34.80
N ALA A 237 -15.74 -10.23 -34.80
CA ALA A 237 -16.75 -9.51 -35.57
C ALA A 237 -17.03 -8.13 -34.99
N GLY A 238 -16.75 -7.93 -33.70
CA GLY A 238 -17.07 -6.71 -33.01
C GLY A 238 -18.30 -6.77 -32.13
N ASP A 239 -18.95 -7.93 -32.06
CA ASP A 239 -20.16 -8.11 -31.24
C ASP A 239 -20.02 -9.29 -30.29
N GLY A 240 -18.79 -9.70 -29.97
CA GLY A 240 -18.58 -10.81 -29.08
C GLY A 240 -18.53 -12.16 -29.76
N THR A 241 -18.60 -12.19 -31.09
CA THR A 241 -18.40 -13.41 -31.87
C THR A 241 -17.15 -13.25 -32.73
N PHE A 242 -16.75 -14.36 -33.35
CA PHE A 242 -15.52 -14.39 -34.11
C PHE A 242 -15.79 -14.90 -35.52
N GLN A 243 -14.81 -14.66 -36.40
CA GLN A 243 -14.86 -15.09 -37.79
C GLN A 243 -13.51 -15.65 -38.20
N LYS A 244 -13.55 -16.55 -39.18
CA LYS A 244 -12.36 -17.14 -39.77
C LYS A 244 -12.77 -17.74 -41.09
N TRP A 245 -11.85 -17.72 -42.06
CA TRP A 245 -12.14 -18.40 -43.32
C TRP A 245 -10.89 -19.04 -43.88
N ALA A 246 -11.12 -20.03 -44.75
CA ALA A 246 -10.08 -20.74 -45.47
C ALA A 246 -10.40 -20.70 -46.96
N ALA A 247 -9.36 -20.58 -47.78
CA ALA A 247 -9.52 -20.56 -49.22
C ALA A 247 -8.47 -21.44 -49.87
N VAL A 248 -8.84 -22.05 -50.99
CA VAL A 248 -7.93 -22.87 -51.79
C VAL A 248 -8.15 -22.49 -53.25
N VAL A 249 -7.06 -22.53 -54.02
CA VAL A 249 -7.12 -22.29 -55.46
C VAL A 249 -7.20 -23.62 -56.19
N VAL A 250 -8.21 -23.78 -57.03
CA VAL A 250 -8.45 -25.04 -57.72
C VAL A 250 -8.60 -24.79 -59.22
N PRO A 251 -8.32 -25.76 -60.07
CA PRO A 251 -8.65 -25.62 -61.49
C PRO A 251 -10.14 -25.80 -61.72
N SER A 252 -10.67 -25.07 -62.70
CA SER A 252 -12.09 -25.15 -63.01
C SER A 252 -12.46 -26.56 -63.44
N GLY A 253 -13.70 -26.95 -63.13
CA GLY A 253 -14.13 -28.31 -63.36
C GLY A 253 -13.61 -29.32 -62.37
N GLN A 254 -12.73 -28.91 -61.45
CA GLN A 254 -12.24 -29.77 -60.38
C GLN A 254 -12.78 -29.35 -59.02
N GLU A 255 -13.68 -28.37 -58.98
CA GLU A 255 -14.10 -27.79 -57.71
C GLU A 255 -14.63 -28.84 -56.75
N GLN A 256 -15.52 -29.70 -57.23
CA GLN A 256 -16.19 -30.65 -56.37
C GLN A 256 -15.32 -31.83 -55.95
N ARG A 257 -14.01 -31.78 -56.24
CA ARG A 257 -13.06 -32.67 -55.58
C ARG A 257 -12.74 -32.23 -54.16
N TYR A 258 -13.07 -30.98 -53.81
CA TYR A 258 -12.57 -30.34 -52.59
C TYR A 258 -13.68 -30.22 -51.56
N THR A 259 -13.37 -30.60 -50.32
CA THR A 259 -14.29 -30.45 -49.20
C THR A 259 -13.65 -29.62 -48.12
N CYS A 260 -14.44 -28.74 -47.51
CA CYS A 260 -14.02 -27.96 -46.37
C CYS A 260 -14.56 -28.60 -45.09
N HIS A 261 -13.75 -28.56 -44.02
CA HIS A 261 -14.12 -29.20 -42.77
C HIS A 261 -14.01 -28.20 -41.61
N VAL A 262 -15.01 -28.23 -40.74
CA VAL A 262 -15.16 -27.26 -39.67
C VAL A 262 -15.27 -28.00 -38.34
N GLN A 263 -14.37 -27.71 -37.41
CA GLN A 263 -14.41 -28.24 -36.06
C GLN A 263 -14.64 -27.10 -35.07
N HIS A 264 -15.69 -27.23 -34.27
CA HIS A 264 -15.98 -26.25 -33.23
C HIS A 264 -16.81 -26.93 -32.15
N GLU A 265 -16.55 -26.58 -30.89
CA GLU A 265 -17.25 -27.24 -29.79
C GLU A 265 -18.74 -26.94 -29.79
N GLY A 266 -19.18 -25.91 -30.52
CA GLY A 266 -20.59 -25.65 -30.67
C GLY A 266 -21.32 -26.53 -31.66
N LEU A 267 -20.61 -27.43 -32.33
CA LEU A 267 -21.20 -28.30 -33.36
C LEU A 267 -21.23 -29.73 -32.87
N PRO A 268 -22.38 -30.41 -32.92
CA PRO A 268 -22.43 -31.81 -32.47
C PRO A 268 -21.59 -32.74 -33.32
N LYS A 269 -21.47 -32.44 -34.61
CA LYS A 269 -20.64 -33.15 -35.56
C LYS A 269 -19.80 -32.14 -36.34
N PRO A 270 -18.59 -32.51 -36.75
CA PRO A 270 -17.83 -31.64 -37.64
C PRO A 270 -18.52 -31.49 -38.99
N LEU A 271 -18.65 -30.24 -39.44
CA LEU A 271 -19.30 -29.95 -40.69
C LEU A 271 -18.41 -30.28 -41.88
N THR A 272 -19.03 -30.70 -42.98
CA THR A 272 -18.37 -30.84 -44.26
C THR A 272 -19.12 -29.98 -45.28
N LEU A 273 -18.36 -29.24 -46.08
CA LEU A 273 -18.93 -28.36 -47.08
C LEU A 273 -18.30 -28.67 -48.42
N ARG A 274 -19.11 -28.61 -49.48
CA ARG A 274 -18.66 -28.78 -50.84
C ARG A 274 -19.24 -27.65 -51.68
N TRP A 275 -18.69 -27.47 -52.88
CA TRP A 275 -19.24 -26.49 -53.82
C TRP A 275 -20.43 -27.11 -54.54
N GLU A 276 -21.59 -26.51 -54.36
CA GLU A 276 -22.83 -27.00 -54.99
C GLU A 276 -23.68 -25.84 -55.46
N MET B 1 16.12 -4.15 -29.88
CA MET B 1 14.70 -4.20 -29.58
C MET B 1 13.99 -5.02 -30.65
N ILE B 2 12.99 -5.77 -30.26
CA ILE B 2 12.23 -6.51 -31.25
C ILE B 2 11.26 -5.55 -31.94
N GLN B 3 11.12 -5.71 -33.24
CA GLN B 3 10.21 -4.91 -34.03
C GLN B 3 9.37 -5.86 -34.86
N ARG B 4 8.04 -5.70 -34.79
CA ARG B 4 7.12 -6.63 -35.43
C ARG B 4 6.15 -5.86 -36.31
N THR B 5 6.11 -6.23 -37.59
CA THR B 5 5.20 -5.59 -38.53
C THR B 5 3.76 -6.02 -38.22
N PRO B 6 2.79 -5.13 -38.39
CA PRO B 6 1.39 -5.51 -38.17
C PRO B 6 0.82 -6.33 -39.32
N LYS B 7 -0.14 -7.17 -38.96
CA LYS B 7 -1.01 -7.84 -39.93
C LYS B 7 -2.36 -7.14 -39.96
N ILE B 8 -2.84 -6.82 -41.17
CA ILE B 8 -4.03 -6.02 -41.34
C ILE B 8 -5.13 -6.87 -41.97
N GLN B 9 -6.31 -6.85 -41.35
CA GLN B 9 -7.50 -7.51 -41.87
C GLN B 9 -8.65 -6.52 -41.82
N VAL B 10 -9.14 -6.09 -42.98
CA VAL B 10 -10.32 -5.23 -43.06
C VAL B 10 -11.48 -6.08 -43.55
N TYR B 11 -12.65 -5.90 -42.95
CA TYR B 11 -13.78 -6.78 -43.15
C TYR B 11 -15.00 -6.15 -42.47
N SER B 12 -16.14 -6.82 -42.57
CA SER B 12 -17.39 -6.34 -42.02
C SER B 12 -17.88 -7.29 -40.93
N ARG B 13 -18.71 -6.76 -40.02
CA ARG B 13 -19.22 -7.58 -38.92
C ARG B 13 -20.19 -8.64 -39.43
N HIS B 14 -21.05 -8.27 -40.37
CA HIS B 14 -22.03 -9.17 -40.97
C HIS B 14 -21.80 -9.24 -42.48
N PRO B 15 -22.34 -10.25 -43.15
CA PRO B 15 -22.24 -10.30 -44.62
C PRO B 15 -22.78 -9.02 -45.25
N ALA B 16 -22.06 -8.53 -46.25
CA ALA B 16 -22.38 -7.25 -46.85
C ALA B 16 -23.67 -7.33 -47.65
N GLU B 17 -24.60 -6.41 -47.36
CA GLU B 17 -25.84 -6.25 -48.12
C GLU B 17 -25.92 -4.80 -48.58
N ASN B 18 -25.94 -4.60 -49.90
CA ASN B 18 -25.96 -3.26 -50.47
C ASN B 18 -27.18 -2.48 -49.99
N GLY B 19 -26.94 -1.41 -49.23
CA GLY B 19 -27.99 -0.62 -48.65
C GLY B 19 -28.30 -0.93 -47.21
N LYS B 20 -27.99 -2.15 -46.75
CA LYS B 20 -28.19 -2.53 -45.36
C LYS B 20 -27.02 -2.05 -44.51
N SER B 21 -27.32 -1.65 -43.28
CA SER B 21 -26.32 -1.10 -42.38
C SER B 21 -25.48 -2.21 -41.76
N ASN B 22 -24.21 -1.90 -41.51
CA ASN B 22 -23.22 -2.88 -41.08
C ASN B 22 -22.17 -2.17 -40.25
N PHE B 23 -21.10 -2.89 -39.91
CA PHE B 23 -19.95 -2.34 -39.21
C PHE B 23 -18.69 -2.70 -39.99
N LEU B 24 -17.83 -1.70 -40.22
CA LEU B 24 -16.57 -1.90 -40.92
C LEU B 24 -15.46 -2.10 -39.88
N ASN B 25 -14.75 -3.22 -39.97
CA ASN B 25 -13.73 -3.59 -39.00
C ASN B 25 -12.36 -3.59 -39.65
N CYS B 26 -11.38 -3.00 -38.97
CA CYS B 26 -9.97 -3.17 -39.31
C CYS B 26 -9.25 -3.73 -38.08
N TYR B 27 -8.69 -4.92 -38.22
CA TYR B 27 -8.06 -5.65 -37.12
C TYR B 27 -6.56 -5.70 -37.37
N VAL B 28 -5.80 -4.88 -36.65
CA VAL B 28 -4.34 -4.89 -36.71
C VAL B 28 -3.83 -5.75 -35.54
N SER B 29 -2.92 -6.67 -35.84
CA SER B 29 -2.46 -7.63 -34.85
C SER B 29 -0.98 -7.94 -35.05
N GLY B 30 -0.40 -8.59 -34.05
CA GLY B 30 0.97 -9.07 -34.11
C GLY B 30 2.04 -8.01 -34.27
N PHE B 31 1.80 -6.78 -33.81
CA PHE B 31 2.77 -5.72 -34.01
C PHE B 31 3.43 -5.32 -32.69
N HIS B 32 4.61 -4.72 -32.83
CA HIS B 32 5.40 -4.23 -31.71
C HIS B 32 6.44 -3.24 -32.22
N PRO B 33 6.57 -2.05 -31.63
CA PRO B 33 5.91 -1.50 -30.44
C PRO B 33 4.42 -1.16 -30.62
N SER B 34 3.79 -0.62 -29.58
CA SER B 34 2.35 -0.41 -29.60
C SER B 34 1.92 0.86 -30.32
N ASP B 35 2.84 1.80 -30.58
CA ASP B 35 2.49 3.00 -31.31
C ASP B 35 2.00 2.65 -32.71
N ILE B 36 0.72 2.90 -32.98
CA ILE B 36 0.12 2.58 -34.27
C ILE B 36 -0.97 3.60 -34.56
N GLU B 37 -1.12 3.95 -35.83
CA GLU B 37 -2.16 4.86 -36.28
C GLU B 37 -3.01 4.14 -37.33
N VAL B 38 -4.31 4.09 -37.08
CA VAL B 38 -5.24 3.36 -37.93
C VAL B 38 -6.40 4.28 -38.27
N ASP B 39 -6.68 4.43 -39.56
CA ASP B 39 -7.84 5.15 -40.04
C ASP B 39 -8.66 4.23 -40.95
N LEU B 40 -9.95 4.55 -41.06
CA LEU B 40 -10.85 3.86 -41.97
C LEU B 40 -11.25 4.83 -43.08
N LEU B 41 -11.11 4.39 -44.32
CA LEU B 41 -11.33 5.26 -45.47
C LEU B 41 -12.66 4.93 -46.14
N LYS B 42 -13.40 5.97 -46.53
CA LYS B 42 -14.57 5.86 -47.39
C LYS B 42 -14.26 6.68 -48.64
N ASN B 43 -13.81 5.99 -49.69
CA ASN B 43 -13.43 6.61 -50.97
C ASN B 43 -12.25 7.55 -50.81
N GLY B 44 -11.27 7.14 -50.01
CA GLY B 44 -10.06 7.92 -49.79
C GLY B 44 -10.14 8.94 -48.68
N GLU B 45 -11.30 9.11 -48.05
CA GLU B 45 -11.48 10.09 -46.99
C GLU B 45 -11.39 9.40 -45.63
N ARG B 46 -10.79 10.09 -44.67
CA ARG B 46 -10.73 9.55 -43.32
C ARG B 46 -12.12 9.66 -42.68
N ILE B 47 -12.76 8.52 -42.45
CA ILE B 47 -13.97 8.50 -41.63
C ILE B 47 -13.57 8.93 -40.21
N GLU B 48 -14.30 9.90 -39.66
CA GLU B 48 -13.77 10.60 -38.49
C GLU B 48 -14.28 10.05 -37.16
N LYS B 49 -15.49 9.49 -37.13
CA LYS B 49 -16.08 9.01 -35.87
C LYS B 49 -15.83 7.51 -35.67
N VAL B 50 -14.57 7.08 -35.77
CA VAL B 50 -14.23 5.66 -35.72
C VAL B 50 -13.71 5.32 -34.32
N GLU B 51 -14.34 4.36 -33.67
CA GLU B 51 -13.93 3.92 -32.35
C GLU B 51 -12.89 2.80 -32.46
N HIS B 52 -12.32 2.43 -31.32
CA HIS B 52 -11.37 1.33 -31.26
C HIS B 52 -11.49 0.60 -29.93
N SER B 53 -10.93 -0.60 -29.88
CA SER B 53 -10.89 -1.41 -28.68
C SER B 53 -9.65 -1.05 -27.85
N ASP B 54 -9.46 -1.77 -26.75
CA ASP B 54 -8.40 -1.46 -25.80
C ASP B 54 -7.20 -2.36 -26.01
N LEU B 55 -6.01 -1.75 -25.95
CA LEU B 55 -4.76 -2.42 -26.27
C LEU B 55 -4.56 -3.66 -25.41
N SER B 56 -4.39 -4.80 -26.08
CA SER B 56 -4.01 -6.04 -25.43
C SER B 56 -2.92 -6.70 -26.26
N PHE B 57 -2.49 -7.90 -25.87
CA PHE B 57 -1.39 -8.55 -26.55
C PHE B 57 -1.52 -10.06 -26.40
N SER B 58 -0.69 -10.78 -27.16
CA SER B 58 -0.73 -12.23 -27.24
C SER B 58 0.55 -12.84 -26.64
N LYS B 59 0.71 -14.14 -26.85
CA LYS B 59 1.74 -14.91 -26.15
C LYS B 59 3.15 -14.48 -26.59
N ASP B 60 3.32 -14.06 -27.84
CA ASP B 60 4.60 -13.54 -28.29
C ASP B 60 4.82 -12.09 -27.90
N TRP B 61 3.96 -11.56 -27.02
CA TRP B 61 3.94 -10.19 -26.49
C TRP B 61 3.56 -9.14 -27.52
N SER B 62 3.19 -9.51 -28.74
CA SER B 62 2.79 -8.54 -29.74
C SER B 62 1.37 -8.04 -29.48
N PHE B 63 1.11 -6.81 -29.91
CA PHE B 63 -0.14 -6.13 -29.61
C PHE B 63 -1.19 -6.37 -30.70
N TYR B 64 -2.44 -6.07 -30.35
CA TYR B 64 -3.53 -6.14 -31.33
C TYR B 64 -4.65 -5.19 -30.93
N LEU B 65 -5.30 -4.64 -31.96
CA LEU B 65 -6.34 -3.63 -31.81
C LEU B 65 -7.43 -3.86 -32.84
N LEU B 66 -8.65 -3.49 -32.48
CA LEU B 66 -9.77 -3.53 -33.42
C LEU B 66 -10.32 -2.12 -33.60
N TYR B 67 -10.33 -1.64 -34.84
CA TYR B 67 -10.92 -0.36 -35.20
C TYR B 67 -12.21 -0.62 -35.96
N TYR B 68 -13.29 0.01 -35.54
CA TYR B 68 -14.60 -0.23 -36.12
C TYR B 68 -15.40 1.06 -36.18
N THR B 69 -16.27 1.15 -37.18
CA THR B 69 -17.18 2.28 -37.30
C THR B 69 -18.44 1.82 -38.02
N GLU B 70 -19.50 2.60 -37.85
CA GLU B 70 -20.75 2.33 -38.55
C GLU B 70 -20.60 2.68 -40.03
N PHE B 71 -21.04 1.78 -40.90
CA PHE B 71 -21.05 2.09 -42.33
C PHE B 71 -22.18 1.34 -43.00
N THR B 72 -22.62 1.87 -44.14
CA THR B 72 -23.62 1.23 -44.97
C THR B 72 -23.01 0.98 -46.35
N PRO B 73 -22.57 -0.24 -46.63
CA PRO B 73 -21.87 -0.49 -47.90
C PRO B 73 -22.81 -0.44 -49.09
N THR B 74 -22.26 -0.02 -50.23
CA THR B 74 -22.98 -0.11 -51.49
C THR B 74 -22.16 -0.90 -52.50
N GLU B 75 -22.51 -0.79 -53.78
CA GLU B 75 -21.80 -1.57 -54.79
C GLU B 75 -20.50 -0.90 -55.22
N LYS B 76 -20.48 0.43 -55.31
CA LYS B 76 -19.35 1.16 -55.86
C LYS B 76 -18.63 2.03 -54.82
N ASP B 77 -19.11 2.05 -53.58
CA ASP B 77 -18.37 2.69 -52.50
C ASP B 77 -17.13 1.85 -52.16
N GLU B 78 -15.99 2.52 -52.02
CA GLU B 78 -14.73 1.84 -51.74
C GLU B 78 -14.29 2.15 -50.31
N TYR B 79 -14.24 1.12 -49.48
CA TYR B 79 -13.77 1.25 -48.11
C TYR B 79 -12.40 0.59 -47.97
N ALA B 80 -11.61 1.09 -47.03
CA ALA B 80 -10.24 0.60 -46.87
C ALA B 80 -9.76 0.94 -45.47
N CYS B 81 -8.56 0.45 -45.15
CA CYS B 81 -7.93 0.70 -43.86
C CYS B 81 -6.50 1.18 -44.10
N ARG B 82 -6.16 2.33 -43.51
CA ARG B 82 -4.82 2.88 -43.59
C ARG B 82 -4.11 2.66 -42.26
N VAL B 83 -2.95 2.03 -42.30
CA VAL B 83 -2.18 1.69 -41.10
C VAL B 83 -0.81 2.32 -41.22
N ASN B 84 -0.37 3.00 -40.16
CA ASN B 84 1.00 3.49 -40.08
C ASN B 84 1.63 2.96 -38.81
N HIS B 85 2.85 2.42 -38.95
CA HIS B 85 3.60 1.82 -37.87
C HIS B 85 5.07 1.93 -38.23
N VAL B 86 5.93 1.95 -37.21
CA VAL B 86 7.34 2.21 -37.42
C VAL B 86 8.00 1.18 -38.33
N THR B 87 7.40 0.00 -38.52
CA THR B 87 8.00 -1.03 -39.36
C THR B 87 7.70 -0.85 -40.85
N LEU B 88 6.93 0.16 -41.24
CA LEU B 88 6.50 0.33 -42.61
C LEU B 88 7.25 1.47 -43.27
N SER B 89 7.62 1.27 -44.54
CA SER B 89 8.22 2.34 -45.33
C SER B 89 7.28 3.54 -45.41
N GLN B 90 5.98 3.26 -45.49
CA GLN B 90 4.95 4.28 -45.65
C GLN B 90 3.60 3.61 -45.33
N PRO B 91 2.56 4.41 -45.06
CA PRO B 91 1.26 3.83 -44.70
C PRO B 91 0.80 2.77 -45.69
N LYS B 92 0.47 1.59 -45.16
CA LYS B 92 -0.12 0.52 -45.94
C LYS B 92 -1.63 0.71 -45.97
N ILE B 93 -2.22 0.60 -47.16
CA ILE B 93 -3.66 0.68 -47.36
C ILE B 93 -4.15 -0.68 -47.84
N VAL B 94 -5.13 -1.23 -47.16
CA VAL B 94 -5.73 -2.52 -47.50
C VAL B 94 -7.20 -2.26 -47.86
N LYS B 95 -7.56 -2.58 -49.10
CA LYS B 95 -8.92 -2.35 -49.56
C LYS B 95 -9.88 -3.34 -48.91
N TRP B 96 -11.08 -2.86 -48.60
CA TRP B 96 -12.14 -3.77 -48.16
C TRP B 96 -12.62 -4.61 -49.32
N ASP B 97 -12.92 -5.87 -49.04
CA ASP B 97 -13.39 -6.81 -50.05
C ASP B 97 -14.39 -7.72 -49.35
N ARG B 98 -15.67 -7.57 -49.70
CA ARG B 98 -16.72 -8.32 -49.01
C ARG B 98 -16.54 -9.83 -49.14
N ASP B 99 -15.79 -10.29 -50.15
CA ASP B 99 -15.43 -11.69 -50.26
C ASP B 99 -14.35 -12.10 -49.27
N MET B 100 -13.75 -11.16 -48.56
CA MET B 100 -12.64 -11.45 -47.66
C MET B 100 -12.89 -10.94 -46.24
N ARG C 1 -11.35 -9.27 -10.77
CA ARG C 1 -10.81 -8.59 -9.59
C ARG C 1 -9.29 -8.64 -9.57
N LEU C 2 -8.67 -7.48 -9.56
CA LEU C 2 -7.21 -7.38 -9.68
C LEU C 2 -6.49 -7.87 -8.43
N GLN C 3 -5.21 -8.16 -8.57
CA GLN C 3 -4.44 -8.46 -7.37
C GLN C 3 -4.00 -7.11 -6.83
N SER C 4 -4.05 -6.97 -5.53
CA SER C 4 -3.78 -5.73 -4.79
C SER C 4 -2.29 -5.53 -4.62
N LEU C 5 -1.56 -6.62 -4.50
CA LEU C 5 -0.11 -6.56 -4.23
C LEU C 5 0.62 -5.72 -5.26
N GLN C 6 1.51 -4.86 -4.80
CA GLN C 6 2.33 -4.07 -5.74
C GLN C 6 3.68 -4.74 -5.83
N THR C 7 4.21 -4.93 -7.02
CA THR C 7 5.54 -5.54 -7.17
C THR C 7 6.39 -4.57 -7.96
N TYR C 8 7.62 -4.42 -7.56
CA TYR C 8 8.52 -3.51 -8.26
C TYR C 8 9.69 -4.29 -8.83
N VAL C 9 10.04 -4.00 -10.06
CA VAL C 9 11.02 -4.77 -10.79
C VAL C 9 12.43 -4.48 -10.27
N ALA D 2 -13.40 -0.96 2.29
CA ALA D 2 -13.06 -2.22 1.64
C ALA D 2 -11.93 -2.92 2.37
N GLN D 3 -11.19 -2.16 3.19
CA GLN D 3 -10.07 -2.70 3.96
C GLN D 3 -10.02 -1.96 5.30
N THR D 4 -10.55 -2.58 6.35
CA THR D 4 -10.63 -1.96 7.67
C THR D 4 -10.10 -2.93 8.72
N VAL D 5 -9.55 -2.36 9.80
CA VAL D 5 -9.07 -3.10 10.95
C VAL D 5 -9.82 -2.60 12.18
N THR D 6 -10.23 -3.53 13.04
CA THR D 6 -11.05 -3.19 14.20
C THR D 6 -10.37 -3.66 15.48
N GLN D 7 -10.15 -2.73 16.40
CA GLN D 7 -9.73 -3.03 17.77
C GLN D 7 -10.78 -2.40 18.68
N SER D 8 -11.65 -3.23 19.27
CA SER D 8 -12.84 -2.72 19.94
C SER D 8 -12.55 -2.22 21.36
N GLN D 9 -11.70 -2.93 22.10
CA GLN D 9 -11.39 -2.54 23.47
C GLN D 9 -10.25 -1.55 23.46
N PRO D 10 -10.50 -0.25 23.72
CA PRO D 10 -9.42 0.74 23.63
C PRO D 10 -8.48 0.74 24.84
N GLU D 11 -8.87 0.14 25.96
CA GLU D 11 -8.06 0.09 27.16
C GLU D 11 -8.08 -1.33 27.71
N MET D 12 -6.90 -1.86 28.02
CA MET D 12 -6.78 -3.18 28.63
C MET D 12 -5.78 -3.13 29.77
N SER D 13 -5.97 -3.99 30.76
CA SER D 13 -5.09 -4.08 31.92
C SER D 13 -4.76 -5.52 32.20
N VAL D 14 -3.49 -5.80 32.46
CA VAL D 14 -3.02 -7.13 32.80
C VAL D 14 -2.19 -7.05 34.08
N GLN D 15 -2.35 -8.03 34.95
CA GLN D 15 -1.51 -8.13 36.13
C GLN D 15 -0.12 -8.61 35.73
N GLU D 16 0.91 -8.00 36.31
CA GLU D 16 2.28 -8.37 35.99
C GLU D 16 2.49 -9.87 36.11
N ALA D 17 3.13 -10.46 35.11
CA ALA D 17 3.44 -11.87 34.90
C ALA D 17 2.24 -12.67 34.41
N GLU D 18 1.03 -12.12 34.42
CA GLU D 18 -0.11 -12.81 33.86
C GLU D 18 -0.18 -12.56 32.34
N THR D 19 -1.01 -13.35 31.67
CA THR D 19 -1.13 -13.27 30.21
C THR D 19 -2.39 -12.52 29.80
N VAL D 20 -2.30 -11.84 28.66
CA VAL D 20 -3.37 -10.98 28.18
C VAL D 20 -3.54 -11.18 26.67
N THR D 21 -4.79 -11.12 26.21
CA THR D 21 -5.12 -11.29 24.80
C THR D 21 -5.72 -9.99 24.28
N LEU D 22 -5.12 -9.46 23.22
CA LEU D 22 -5.58 -8.22 22.58
C LEU D 22 -6.31 -8.59 21.30
N SER D 23 -7.61 -8.33 21.26
CA SER D 23 -8.43 -8.77 20.14
C SER D 23 -8.24 -7.89 18.92
N CYS D 24 -8.44 -8.48 17.74
CA CYS D 24 -8.41 -7.74 16.48
C CYS D 24 -9.21 -8.51 15.44
N THR D 25 -10.11 -7.82 14.76
CA THR D 25 -10.77 -8.33 13.57
C THR D 25 -10.53 -7.36 12.41
N TYR D 26 -10.65 -7.88 11.20
CA TYR D 26 -10.32 -7.11 10.01
C TYR D 26 -11.28 -7.49 8.89
N ASP D 27 -11.38 -6.62 7.89
CA ASP D 27 -12.25 -6.84 6.75
C ASP D 27 -11.42 -6.73 5.47
N THR D 28 -11.44 -7.79 4.67
CA THR D 28 -10.74 -7.79 3.39
C THR D 28 -11.41 -8.82 2.49
N SER D 29 -11.32 -8.56 1.18
CA SER D 29 -11.80 -9.48 0.15
C SER D 29 -10.63 -10.03 -0.67
N GLU D 30 -9.52 -10.28 -0.01
CA GLU D 30 -8.33 -10.80 -0.65
C GLU D 30 -7.90 -12.09 0.03
N SER D 31 -7.12 -12.89 -0.69
CA SER D 31 -6.49 -14.08 -0.13
C SER D 31 -4.99 -13.94 -0.01
N ASP D 32 -4.39 -12.96 -0.67
CA ASP D 32 -2.99 -12.57 -0.45
C ASP D 32 -3.00 -11.29 0.38
N TYR D 33 -2.66 -11.41 1.65
CA TYR D 33 -2.47 -10.24 2.49
C TYR D 33 -1.55 -10.62 3.63
N TYR D 34 -1.01 -9.60 4.28
CA TYR D 34 -0.21 -9.78 5.48
C TYR D 34 -0.92 -9.13 6.65
N LEU D 35 -0.73 -9.71 7.84
CA LEU D 35 -1.24 -9.15 9.07
C LEU D 35 -0.08 -8.84 10.00
N PHE D 36 -0.16 -7.70 10.70
CA PHE D 36 0.92 -7.25 11.57
C PHE D 36 0.37 -6.81 12.92
N TRP D 37 1.21 -6.91 13.94
CA TRP D 37 0.99 -6.27 15.23
C TRP D 37 2.16 -5.33 15.49
N TYR D 38 1.85 -4.06 15.76
CA TYR D 38 2.86 -3.06 16.08
C TYR D 38 2.68 -2.60 17.51
N LYS D 39 3.80 -2.24 18.14
CA LYS D 39 3.83 -1.77 19.51
C LYS D 39 4.41 -0.36 19.54
N GLN D 40 3.77 0.54 20.28
CA GLN D 40 4.23 1.91 20.41
C GLN D 40 4.40 2.27 21.89
N PRO D 41 5.63 2.24 22.41
CA PRO D 41 5.87 2.70 23.77
C PRO D 41 5.67 4.20 23.84
N PRO D 42 5.67 4.79 25.04
CA PRO D 42 5.63 6.26 25.13
C PRO D 42 6.77 6.95 24.40
N SER D 43 7.84 6.20 24.05
CA SER D 43 8.89 6.73 23.18
C SER D 43 8.33 7.24 21.87
N ARG D 44 7.19 6.69 21.44
CA ARG D 44 6.47 6.92 20.18
C ARG D 44 7.13 6.18 19.02
N GLN D 45 8.24 5.48 19.22
CA GLN D 45 8.84 4.69 18.16
C GLN D 45 8.00 3.45 17.89
N MET D 46 7.56 3.28 16.65
CA MET D 46 6.81 2.09 16.29
C MET D 46 7.77 0.95 15.99
N ILE D 47 7.44 -0.25 16.49
CA ILE D 47 8.26 -1.43 16.29
C ILE D 47 7.35 -2.63 16.04
N LEU D 48 7.76 -3.50 15.11
CA LEU D 48 6.97 -4.65 14.73
C LEU D 48 7.07 -5.75 15.78
N VAL D 49 5.92 -6.31 16.16
CA VAL D 49 5.86 -7.40 17.12
C VAL D 49 5.78 -8.72 16.38
N ILE D 50 4.70 -8.89 15.60
CA ILE D 50 4.39 -10.14 14.93
C ILE D 50 4.08 -9.84 13.47
N ARG D 51 4.38 -10.79 12.60
CA ARG D 51 3.94 -10.74 11.22
C ARG D 51 3.31 -12.09 10.85
N GLN D 52 2.14 -12.04 10.21
CA GLN D 52 1.45 -13.24 9.75
C GLN D 52 1.17 -13.10 8.27
N GLU D 53 1.78 -13.97 7.47
CA GLU D 53 1.38 -14.11 6.07
C GLU D 53 0.10 -14.92 5.99
N ALA D 54 -0.92 -14.37 5.33
CA ALA D 54 -2.22 -15.01 5.31
C ALA D 54 -2.22 -16.35 4.57
N TYR D 55 -1.24 -16.58 3.70
CA TYR D 55 -1.16 -17.87 3.04
C TYR D 55 -0.59 -18.95 3.97
N LYS D 56 0.37 -18.57 4.82
CA LYS D 56 0.90 -19.51 5.80
C LYS D 56 -0.16 -19.80 6.86
N GLN D 57 -0.49 -21.09 7.02
CA GLN D 57 -1.55 -21.49 7.94
C GLN D 57 -1.12 -21.38 9.40
N GLN D 58 0.18 -21.37 9.66
CA GLN D 58 0.70 -21.57 11.00
C GLN D 58 0.63 -20.28 11.81
N ASN D 59 0.18 -20.39 13.06
CA ASN D 59 0.15 -19.26 13.97
C ASN D 59 1.57 -18.78 14.27
N ALA D 60 1.92 -17.60 13.75
CA ALA D 60 3.26 -17.07 13.96
C ALA D 60 3.50 -16.76 15.43
N THR D 61 4.65 -17.20 15.93
CA THR D 61 4.97 -16.97 17.35
C THR D 61 6.28 -16.21 17.45
N GLU D 62 6.37 -15.33 18.44
CA GLU D 62 7.62 -14.60 18.72
C GLU D 62 7.76 -14.70 20.23
N ASN D 63 8.59 -15.61 20.72
CA ASN D 63 8.80 -15.82 22.17
C ASN D 63 7.49 -15.79 22.95
N ARG D 64 7.36 -14.85 23.87
CA ARG D 64 6.15 -14.64 24.66
C ARG D 64 4.94 -14.27 23.79
N PHE D 65 5.18 -13.72 22.60
CA PHE D 65 4.11 -13.19 21.78
C PHE D 65 3.64 -14.25 20.79
N SER D 66 2.42 -14.75 21.00
CA SER D 66 1.73 -15.60 20.05
C SER D 66 0.50 -14.88 19.54
N VAL D 67 0.00 -15.38 18.41
CA VAL D 67 -1.11 -14.78 17.68
C VAL D 67 -2.12 -15.90 17.40
N ASN D 68 -3.42 -15.58 17.50
CA ASN D 68 -4.48 -16.55 17.23
C ASN D 68 -5.10 -16.20 15.89
N PHE D 69 -4.46 -16.68 14.82
CA PHE D 69 -4.87 -16.37 13.45
C PHE D 69 -6.00 -17.32 13.05
N GLN D 70 -7.20 -16.78 12.91
CA GLN D 70 -8.36 -17.52 12.41
C GLN D 70 -8.76 -16.87 11.09
N LYS D 71 -8.23 -17.42 9.99
CA LYS D 71 -8.51 -16.85 8.67
C LYS D 71 -10.00 -16.83 8.38
N ALA D 72 -10.71 -17.90 8.74
CA ALA D 72 -12.14 -17.97 8.47
C ALA D 72 -12.89 -16.84 9.17
N ALA D 73 -12.64 -16.65 10.46
CA ALA D 73 -13.38 -15.68 11.26
C ALA D 73 -12.83 -14.26 11.12
N LYS D 74 -11.76 -14.06 10.35
CA LYS D 74 -11.14 -12.74 10.18
C LYS D 74 -10.75 -12.15 11.52
N SER D 75 -10.13 -12.97 12.37
CA SER D 75 -9.68 -12.55 13.68
C SER D 75 -8.18 -12.79 13.82
N PHE D 76 -7.52 -11.89 14.54
CA PHE D 76 -6.06 -11.87 14.63
C PHE D 76 -5.64 -11.32 15.99
N SER D 77 -6.03 -12.03 17.05
CA SER D 77 -5.79 -11.61 18.41
C SER D 77 -4.34 -11.88 18.79
N LEU D 78 -3.79 -10.99 19.63
CA LEU D 78 -2.41 -11.06 20.09
C LEU D 78 -2.39 -11.52 21.55
N LYS D 79 -1.68 -12.61 21.80
CA LYS D 79 -1.53 -13.17 23.15
C LYS D 79 -0.16 -12.80 23.70
N ILE D 80 -0.17 -12.13 24.85
CA ILE D 80 1.07 -11.74 25.56
C ILE D 80 1.10 -12.50 26.87
N SER D 81 2.00 -13.46 26.98
CA SER D 81 2.11 -14.29 28.19
C SER D 81 3.21 -13.74 29.06
N ASP D 82 3.12 -13.98 30.36
CA ASP D 82 4.08 -13.47 31.38
C ASP D 82 4.37 -12.02 31.09
N SER D 83 3.36 -11.18 31.18
CA SER D 83 3.53 -9.74 30.87
C SER D 83 4.48 -9.08 31.84
N GLN D 84 5.18 -8.07 31.34
CA GLN D 84 6.19 -7.29 32.08
C GLN D 84 5.86 -5.81 31.97
N LEU D 85 6.49 -5.01 32.81
CA LEU D 85 6.23 -3.57 32.81
C LEU D 85 6.56 -2.95 31.45
N GLY D 86 7.61 -3.44 30.79
CA GLY D 86 7.97 -2.93 29.48
C GLY D 86 6.94 -3.18 28.40
N ASP D 87 5.95 -4.03 28.67
CA ASP D 87 4.89 -4.29 27.70
C ASP D 87 3.82 -3.21 27.70
N ALA D 88 3.83 -2.31 28.68
CA ALA D 88 2.89 -1.20 28.72
C ALA D 88 3.13 -0.27 27.53
N ALA D 89 2.16 -0.20 26.62
CA ALA D 89 2.32 0.55 25.37
C ALA D 89 0.97 0.55 24.65
N MET D 90 0.97 1.14 23.46
CA MET D 90 -0.14 1.00 22.53
C MET D 90 0.22 -0.06 21.51
N TYR D 91 -0.72 -0.97 21.27
CA TYR D 91 -0.57 -2.02 20.28
C TYR D 91 -1.54 -1.74 19.15
N PHE D 92 -1.06 -1.86 17.92
CA PHE D 92 -1.83 -1.54 16.73
C PHE D 92 -1.90 -2.78 15.83
N CYS D 93 -3.12 -3.21 15.54
CA CYS D 93 -3.35 -4.24 14.54
C CYS D 93 -3.33 -3.61 13.14
N ALA D 94 -2.72 -4.30 12.18
CA ALA D 94 -2.58 -3.77 10.83
C ALA D 94 -2.74 -4.89 9.81
N SER D 95 -3.06 -4.49 8.58
CA SER D 95 -3.26 -5.44 7.48
C SER D 95 -2.74 -4.85 6.18
N SER D 96 -2.25 -5.73 5.31
CA SER D 96 -1.91 -5.36 3.95
C SER D 96 -3.16 -5.37 3.08
N GLY D 97 -3.11 -4.66 1.97
CA GLY D 97 -4.27 -4.65 1.06
C GLY D 97 -4.03 -3.70 -0.08
N ASN D 98 -5.03 -2.87 -0.39
CA ASN D 98 -4.89 -1.86 -1.47
C ASN D 98 -3.96 -0.78 -0.95
N THR D 99 -4.04 -0.51 0.34
CA THR D 99 -3.14 0.40 1.07
C THR D 99 -2.11 -0.53 1.69
N PRO D 100 -0.80 -0.34 1.52
CA PRO D 100 0.18 -1.24 2.06
C PRO D 100 0.00 -1.49 3.55
N LEU D 101 -0.21 -0.44 4.33
CA LEU D 101 -0.48 -0.66 5.76
C LEU D 101 -1.69 0.15 6.17
N VAL D 102 -2.66 -0.52 6.77
CA VAL D 102 -3.81 0.13 7.38
C VAL D 102 -3.85 -0.29 8.85
N PHE D 103 -3.89 0.68 9.75
CA PHE D 103 -3.82 0.43 11.17
C PHE D 103 -5.20 0.45 11.82
N GLY D 104 -5.35 -0.36 12.87
CA GLY D 104 -6.49 -0.25 13.75
C GLY D 104 -6.35 0.98 14.64
N LYS D 105 -7.38 1.18 15.43
CA LYS D 105 -7.49 2.34 16.35
C LYS D 105 -6.49 2.24 17.50
N GLY D 106 -6.15 1.04 17.87
CA GLY D 106 -5.17 0.80 18.92
C GLY D 106 -5.80 0.49 20.27
N THR D 107 -5.06 -0.29 21.07
CA THR D 107 -5.42 -0.61 22.45
C THR D 107 -4.24 -0.24 23.35
N ARG D 108 -4.54 0.46 24.41
CA ARG D 108 -3.50 0.83 25.39
C ARG D 108 -3.49 -0.22 26.47
N LEU D 109 -2.44 -1.03 26.52
CA LEU D 109 -2.26 -2.01 27.59
C LEU D 109 -1.54 -1.34 28.75
N SER D 110 -2.19 -1.33 29.92
CA SER D 110 -1.54 -0.91 31.16
C SER D 110 -1.16 -2.16 31.96
N VAL D 111 0.09 -2.22 32.40
CA VAL D 111 0.59 -3.36 33.16
C VAL D 111 0.64 -2.95 34.63
N ILE D 112 -0.17 -3.61 35.44
CA ILE D 112 -0.26 -3.36 36.87
C ILE D 112 0.94 -4.02 37.57
N PRO D 113 1.87 -3.26 38.12
CA PRO D 113 3.02 -3.87 38.80
C PRO D 113 2.56 -4.61 40.06
N ASN D 114 3.10 -5.81 40.24
CA ASN D 114 2.80 -6.63 41.42
C ASN D 114 3.80 -6.25 42.51
N ILE D 115 3.35 -5.44 43.46
CA ILE D 115 4.20 -4.98 44.56
C ILE D 115 4.37 -6.13 45.54
N GLN D 116 5.58 -6.64 45.61
CA GLN D 116 5.86 -7.76 46.55
CA GLN D 116 5.86 -7.76 46.55
C GLN D 116 5.73 -7.57 48.10
N ASN D 117 6.04 -6.34 48.47
CA ASN D 117 6.00 -6.01 49.90
C ASN D 117 5.50 -4.59 50.06
N PRO D 118 4.18 -4.37 50.00
CA PRO D 118 3.64 -3.03 50.22
C PRO D 118 4.15 -2.42 51.51
N ASP D 119 4.44 -1.12 51.46
CA ASP D 119 5.13 -0.41 52.52
C ASP D 119 4.85 1.09 52.37
N PRO D 120 3.58 1.49 52.43
CA PRO D 120 3.24 2.87 52.05
C PRO D 120 3.82 3.88 53.03
N ALA D 121 4.38 4.95 52.48
CA ALA D 121 4.99 6.00 53.29
C ALA D 121 4.96 7.32 52.53
N VAL D 122 5.08 8.41 53.29
CA VAL D 122 5.19 9.75 52.74
C VAL D 122 6.46 10.39 53.30
N TYR D 123 7.27 10.94 52.42
CA TYR D 123 8.54 11.55 52.79
C TYR D 123 8.59 12.99 52.30
N GLN D 124 9.41 13.81 52.96
CA GLN D 124 9.62 15.20 52.57
C GLN D 124 11.03 15.35 52.00
N LEU D 125 11.11 15.77 50.74
CA LEU D 125 12.37 16.09 50.07
C LEU D 125 12.48 17.60 49.91
N ARG D 126 13.68 18.14 49.97
CA ARG D 126 13.83 19.60 49.78
C ARG D 126 14.76 19.90 48.61
N ASP D 127 14.62 21.11 48.10
CA ASP D 127 15.36 21.60 46.94
C ASP D 127 16.85 21.64 47.21
N SER D 128 17.64 21.40 46.17
CA SER D 128 19.09 21.34 46.25
C SER D 128 19.77 22.66 45.92
N LYS D 129 19.04 23.62 45.34
CA LYS D 129 19.55 24.98 45.19
C LYS D 129 19.04 25.82 46.36
N SER D 130 17.76 26.21 46.30
CA SER D 130 17.09 26.80 47.45
C SER D 130 16.85 25.74 48.52
N SER D 131 16.61 26.20 49.75
CA SER D 131 16.17 25.34 50.84
C SER D 131 14.79 25.71 51.35
N ASP D 132 14.09 26.58 50.63
CA ASP D 132 12.72 26.97 50.93
C ASP D 132 11.71 26.06 50.24
N LYS D 133 11.91 25.75 48.96
CA LYS D 133 11.00 24.91 48.19
C LYS D 133 11.16 23.44 48.55
N SER D 134 10.05 22.71 48.50
CA SER D 134 10.01 21.34 48.99
C SER D 134 8.89 20.57 48.31
N VAL D 135 9.06 19.24 48.23
CA VAL D 135 8.07 18.35 47.64
C VAL D 135 7.84 17.15 48.55
N CYS D 136 6.71 16.50 48.35
CA CYS D 136 6.28 15.37 49.17
C CYS D 136 6.16 14.14 48.29
N LEU D 137 6.70 13.02 48.76
CA LEU D 137 6.77 11.79 47.97
C LEU D 137 5.96 10.70 48.66
N PHE D 138 4.91 10.26 48.00
CA PHE D 138 4.09 9.13 48.44
C PHE D 138 4.54 7.91 47.63
N THR D 139 5.14 6.93 48.31
CA THR D 139 5.82 5.85 47.61
C THR D 139 5.58 4.51 48.29
N ASP D 140 5.85 3.44 47.54
CA ASP D 140 5.93 2.06 48.02
C ASP D 140 4.57 1.46 48.37
N PHE D 141 3.47 2.06 47.92
CA PHE D 141 2.16 1.47 48.12
C PHE D 141 1.87 0.43 47.04
N ASP D 142 0.94 -0.48 47.35
CA ASP D 142 0.56 -1.50 46.38
C ASP D 142 -0.29 -0.88 45.28
N SER D 143 -0.55 -1.69 44.25
CA SER D 143 -1.05 -1.16 42.99
C SER D 143 -2.53 -0.81 43.00
N GLN D 144 -3.30 -1.33 43.95
CA GLN D 144 -4.72 -1.03 44.00
C GLN D 144 -5.01 0.30 44.68
N THR D 145 -3.98 1.01 45.13
CA THR D 145 -4.15 2.33 45.71
C THR D 145 -4.47 3.35 44.62
N ASN D 146 -5.46 4.19 44.86
CA ASN D 146 -5.80 5.28 43.95
C ASN D 146 -5.40 6.60 44.61
N VAL D 147 -4.46 7.30 44.00
CA VAL D 147 -4.08 8.63 44.45
C VAL D 147 -5.12 9.64 43.96
N SER D 148 -5.40 10.64 44.78
CA SER D 148 -6.43 11.61 44.50
C SER D 148 -5.83 12.99 44.23
N GLN D 149 -6.47 13.71 43.32
CA GLN D 149 -6.01 15.03 42.90
C GLN D 149 -6.16 16.04 44.04
N SER D 150 -5.47 17.18 43.89
CA SER D 150 -5.38 18.14 44.99
C SER D 150 -6.65 18.96 45.09
N LYS D 151 -7.51 18.68 46.08
CA LYS D 151 -8.73 19.51 46.15
C LYS D 151 -8.36 20.83 46.83
N ASP D 152 -7.08 21.07 47.04
CA ASP D 152 -6.69 22.26 47.82
C ASP D 152 -6.30 23.43 46.94
N SER D 153 -6.43 23.37 45.62
CA SER D 153 -6.15 24.52 44.71
C SER D 153 -4.68 24.99 44.64
N ASP D 154 -4.02 25.29 45.75
CA ASP D 154 -2.62 25.73 45.75
C ASP D 154 -1.71 24.49 45.73
N VAL D 155 -2.27 23.28 45.67
CA VAL D 155 -1.45 22.09 45.77
C VAL D 155 -1.56 21.32 44.46
N TYR D 156 -0.49 20.58 44.13
CA TYR D 156 -0.46 19.73 42.95
C TYR D 156 -0.09 18.31 43.37
N ILE D 157 -0.88 17.33 42.92
CA ILE D 157 -0.62 15.92 43.19
C ILE D 157 -0.65 15.17 41.86
N THR D 158 0.45 14.51 41.53
CA THR D 158 0.56 13.75 40.29
C THR D 158 -0.05 12.36 40.46
N ASP D 159 -0.26 11.69 39.34
CA ASP D 159 -0.75 10.32 39.35
C ASP D 159 0.40 9.37 39.73
N LYS D 160 0.06 8.09 39.90
CA LYS D 160 1.06 7.12 40.30
C LYS D 160 1.93 6.70 39.11
N CYS D 161 3.20 6.41 39.41
CA CYS D 161 4.24 6.16 38.43
C CYS D 161 5.09 5.00 38.93
N VAL D 162 5.11 3.89 38.19
CA VAL D 162 5.87 2.71 38.59
C VAL D 162 7.27 2.78 38.00
N LEU D 163 8.27 2.73 38.86
CA LEU D 163 9.67 2.69 38.45
C LEU D 163 10.26 1.31 38.74
N ASP D 164 11.24 0.94 37.94
CA ASP D 164 11.87 -0.38 38.01
C ASP D 164 13.35 -0.20 38.29
N MET D 165 13.82 -0.75 39.40
CA MET D 165 15.24 -0.83 39.71
C MET D 165 15.70 -2.20 39.26
N ARG D 166 16.08 -2.28 37.97
CA ARG D 166 16.20 -3.57 37.29
C ARG D 166 17.23 -4.47 37.94
N SER D 167 18.34 -3.89 38.41
CA SER D 167 19.45 -4.67 38.97
C SER D 167 19.30 -4.88 40.47
N MET D 168 18.18 -4.48 41.06
CA MET D 168 17.80 -4.91 42.41
C MET D 168 16.56 -5.79 42.39
N ASP D 169 16.01 -6.05 41.21
CA ASP D 169 14.73 -6.74 41.02
C ASP D 169 13.69 -6.21 42.01
N PHE D 170 13.51 -4.90 41.96
CA PHE D 170 12.60 -4.19 42.86
C PHE D 170 11.82 -3.17 42.06
N LYS D 171 10.51 -3.07 42.38
CA LYS D 171 9.62 -2.17 41.67
C LYS D 171 8.77 -1.42 42.69
N SER D 172 8.56 -0.13 42.43
CA SER D 172 7.85 0.71 43.37
C SER D 172 6.93 1.68 42.63
N ASN D 173 5.77 1.95 43.23
CA ASN D 173 4.89 3.03 42.80
C ASN D 173 5.22 4.31 43.57
N SER D 174 4.90 5.45 42.97
CA SER D 174 5.14 6.71 43.65
C SER D 174 4.34 7.82 42.98
N ALA D 175 3.80 8.71 43.82
CA ALA D 175 3.20 9.97 43.41
C ALA D 175 3.91 11.11 44.12
N VAL D 176 3.77 12.32 43.59
CA VAL D 176 4.50 13.49 44.07
C VAL D 176 3.51 14.63 44.33
N ALA D 177 3.77 15.39 45.39
CA ALA D 177 2.98 16.57 45.71
C ALA D 177 3.90 17.72 46.09
N TRP D 178 3.45 18.95 45.80
CA TRP D 178 4.20 20.14 46.18
C TRP D 178 3.25 21.33 46.22
N SER D 179 3.72 22.33 46.93
CA SER D 179 2.96 23.57 47.15
C SER D 179 3.89 24.76 47.28
N ASN D 180 3.28 25.94 47.46
CA ASN D 180 4.00 27.23 47.59
C ASN D 180 4.23 27.57 49.06
N LYS D 181 5.46 27.98 49.37
CA LYS D 181 5.98 28.35 50.70
C LYS D 181 5.98 27.13 51.64
N PHE D 184 1.36 23.80 54.07
CA PHE D 184 1.69 22.54 53.38
C PHE D 184 2.66 21.69 54.19
N ALA D 185 2.16 20.52 54.56
CA ALA D 185 2.90 19.48 55.28
C ALA D 185 2.69 18.19 54.51
N CYS D 186 3.60 17.25 54.65
CA CYS D 186 3.42 16.07 53.79
C CYS D 186 2.51 15.03 54.44
N ALA D 187 2.39 15.00 55.77
CA ALA D 187 1.64 13.94 56.41
C ALA D 187 0.17 13.98 56.03
N ASN D 188 -0.39 15.19 55.90
CA ASN D 188 -1.77 15.37 55.44
C ASN D 188 -1.82 15.91 54.01
N ALA D 189 -0.80 15.65 53.20
CA ALA D 189 -0.81 16.09 51.81
C ALA D 189 -1.58 15.13 50.91
N PHE D 190 -1.44 13.83 51.17
CA PHE D 190 -2.27 12.80 50.55
C PHE D 190 -3.44 12.42 51.46
N ASN D 191 -3.91 13.39 52.22
CA ASN D 191 -5.04 13.21 53.14
C ASN D 191 -6.23 12.50 52.48
N ASN D 192 -6.55 12.77 51.21
CA ASN D 192 -7.75 12.21 50.60
C ASN D 192 -7.52 10.88 49.91
N SER D 193 -6.27 10.50 49.66
CA SER D 193 -5.96 9.24 48.99
C SER D 193 -6.09 8.12 50.02
N ILE D 194 -7.22 7.42 50.00
CA ILE D 194 -7.47 6.28 50.87
C ILE D 194 -8.67 5.49 50.37
N ALA E 3 21.41 4.87 11.63
CA ALA E 3 21.18 3.68 10.81
C ALA E 3 19.69 3.31 10.76
N GLY E 4 18.84 4.26 11.13
CA GLY E 4 17.40 4.08 11.05
C GLY E 4 16.76 5.21 10.27
N VAL E 5 15.44 5.34 10.35
CA VAL E 5 14.75 6.43 9.70
C VAL E 5 14.94 7.70 10.52
N ILE E 6 15.54 8.72 9.92
CA ILE E 6 15.89 9.96 10.60
C ILE E 6 14.80 10.99 10.34
N GLN E 7 14.27 11.59 11.40
CA GLN E 7 13.23 12.60 11.29
C GLN E 7 13.72 13.92 11.88
N SER E 8 13.39 15.02 11.21
CA SER E 8 13.98 16.33 11.48
C SER E 8 12.90 17.39 11.65
N PRO E 9 12.69 17.93 12.87
CA PRO E 9 13.24 17.63 14.20
C PRO E 9 12.29 16.81 15.07
N ARG E 10 12.61 16.62 16.36
CA ARG E 10 11.77 15.80 17.22
C ARG E 10 10.43 16.47 17.48
N HIS E 11 10.45 17.65 18.09
CA HIS E 11 9.26 18.48 18.28
C HIS E 11 9.40 19.76 17.46
N GLU E 12 8.26 20.36 17.12
CA GLU E 12 8.25 21.60 16.37
C GLU E 12 7.01 22.40 16.74
N VAL E 13 7.22 23.66 17.10
CA VAL E 13 6.15 24.55 17.55
C VAL E 13 6.12 25.75 16.62
N THR E 14 4.99 25.94 15.94
CA THR E 14 4.85 26.99 14.95
C THR E 14 3.54 27.74 15.15
N GLU E 15 3.56 29.03 14.84
CA GLU E 15 2.36 29.86 14.88
C GLU E 15 1.58 29.66 13.59
N MET E 16 0.25 29.66 13.69
CA MET E 16 -0.58 29.44 12.53
C MET E 16 -0.30 30.49 11.46
N GLY E 17 -0.55 30.11 10.20
CA GLY E 17 -0.23 30.94 9.07
C GLY E 17 1.20 30.80 8.56
N GLN E 18 2.12 30.32 9.39
CA GLN E 18 3.49 30.10 8.96
C GLN E 18 3.58 28.85 8.09
N GLU E 19 4.79 28.59 7.58
CA GLU E 19 5.08 27.44 6.74
C GLU E 19 5.77 26.37 7.59
N VAL E 20 5.47 25.11 7.30
CA VAL E 20 6.06 23.97 8.01
C VAL E 20 6.61 23.01 6.97
N THR E 21 7.84 22.56 7.17
CA THR E 21 8.49 21.60 6.26
C THR E 21 9.09 20.48 7.10
N LEU E 22 8.32 19.40 7.28
CA LEU E 22 8.85 18.19 7.89
C LEU E 22 9.81 17.50 6.93
N ARG E 23 10.76 16.77 7.49
CA ARG E 23 11.82 16.16 6.69
C ARG E 23 12.14 14.77 7.22
N CYS E 24 12.52 13.88 6.32
CA CYS E 24 12.74 12.48 6.67
C CYS E 24 13.78 11.87 5.75
N LYS E 25 14.65 11.06 6.32
CA LYS E 25 15.68 10.33 5.59
C LYS E 25 15.46 8.83 5.77
N PRO E 26 15.30 8.06 4.71
CA PRO E 26 15.07 6.62 4.88
C PRO E 26 16.35 5.89 5.23
N ILE E 27 16.18 4.63 5.64
CA ILE E 27 17.31 3.73 5.82
C ILE E 27 18.03 3.60 4.49
N SER E 28 19.36 3.73 4.54
CA SER E 28 20.15 3.66 3.31
C SER E 28 19.92 2.32 2.64
N GLY E 29 19.74 2.37 1.32
CA GLY E 29 19.35 1.21 0.54
C GLY E 29 17.87 1.08 0.28
N HIS E 30 17.03 1.68 1.13
CA HIS E 30 15.59 1.58 0.96
C HIS E 30 15.11 2.45 -0.19
N ASN E 31 14.23 1.90 -1.02
CA ASN E 31 13.74 2.57 -2.21
C ASN E 31 12.30 3.03 -2.08
N SER E 32 11.69 2.88 -0.90
CA SER E 32 10.29 3.26 -0.70
C SER E 32 10.19 4.01 0.61
N LEU E 33 9.31 5.01 0.66
CA LEU E 33 9.18 5.87 1.83
C LEU E 33 7.72 6.25 2.03
N PHE E 34 7.24 6.12 3.25
CA PHE E 34 5.85 6.36 3.60
C PHE E 34 5.74 7.52 4.57
N TRP E 35 4.70 8.35 4.40
CA TRP E 35 4.35 9.40 5.35
C TRP E 35 3.05 9.05 6.05
N TYR E 36 3.06 9.14 7.38
CA TYR E 36 1.86 8.99 8.18
C TYR E 36 1.71 10.20 9.10
N ARG E 37 0.50 10.39 9.59
CA ARG E 37 0.25 11.33 10.67
C ARG E 37 -0.59 10.64 11.73
N GLN E 38 -0.30 10.92 12.99
CA GLN E 38 -0.98 10.31 14.12
C GLN E 38 -1.64 11.39 14.96
N THR E 39 -2.96 11.29 15.10
CA THR E 39 -3.73 11.99 16.10
C THR E 39 -4.37 10.94 17.02
N MET E 40 -4.95 11.39 18.12
CA MET E 40 -5.78 10.47 18.90
C MET E 40 -7.26 10.61 18.56
N MET E 41 -7.61 11.55 17.68
CA MET E 41 -8.97 11.61 17.16
C MET E 41 -9.17 10.61 16.03
N ARG E 42 -8.27 10.60 15.03
CA ARG E 42 -8.40 9.76 13.86
C ARG E 42 -7.45 8.57 13.84
N GLY E 43 -6.36 8.61 14.61
CA GLY E 43 -5.45 7.48 14.68
C GLY E 43 -4.28 7.61 13.72
N LEU E 44 -3.81 6.48 13.19
CA LEU E 44 -2.70 6.45 12.25
C LEU E 44 -3.24 6.37 10.82
N GLU E 45 -2.99 7.40 10.03
CA GLU E 45 -3.50 7.49 8.66
C GLU E 45 -2.35 7.67 7.70
N LEU E 46 -2.37 6.91 6.60
CA LEU E 46 -1.39 7.10 5.54
C LEU E 46 -1.68 8.39 4.79
N LEU E 47 -0.62 9.18 4.55
CA LEU E 47 -0.75 10.42 3.79
C LEU E 47 -0.30 10.22 2.34
N ILE E 48 0.93 9.73 2.15
CA ILE E 48 1.50 9.55 0.84
C ILE E 48 2.69 8.62 0.99
N TYR E 49 2.99 7.86 -0.04
CA TYR E 49 4.20 7.01 -0.05
C TYR E 49 4.82 7.08 -1.44
N PHE E 50 6.10 6.81 -1.51
CA PHE E 50 6.86 6.88 -2.77
C PHE E 50 7.69 5.63 -2.95
N ASN E 51 7.94 5.28 -4.19
CA ASN E 51 8.85 4.18 -4.53
C ASN E 51 9.68 4.76 -5.65
N ASN E 52 11.00 4.82 -5.47
CA ASN E 52 11.98 5.36 -6.45
C ASN E 52 11.70 6.82 -6.73
N ASN E 53 11.27 7.55 -5.72
CA ASN E 53 10.96 9.00 -5.71
C ASN E 53 9.66 9.33 -6.44
N VAL E 54 8.88 8.34 -6.84
CA VAL E 54 7.61 8.55 -7.58
C VAL E 54 6.47 8.32 -6.59
N PRO E 55 5.53 9.26 -6.48
CA PRO E 55 4.40 9.08 -5.61
C PRO E 55 3.46 7.99 -6.13
N ILE E 56 3.19 6.99 -5.33
CA ILE E 56 2.36 5.86 -5.80
C ILE E 56 0.92 6.13 -5.45
N ASP E 57 0.69 6.85 -4.37
CA ASP E 57 -0.68 7.13 -3.93
C ASP E 57 -0.66 8.35 -3.03
N ASP E 58 -1.52 9.32 -3.29
CA ASP E 58 -1.61 10.49 -2.41
C ASP E 58 -3.08 10.73 -2.13
N SER E 59 -3.87 9.68 -2.05
CA SER E 59 -5.29 9.93 -1.81
C SER E 59 -5.50 10.36 -0.37
N GLY E 60 -4.53 10.05 0.48
CA GLY E 60 -4.65 10.43 1.87
C GLY E 60 -4.18 11.83 2.20
N MET E 61 -3.80 12.57 1.19
CA MET E 61 -3.29 13.92 1.50
C MET E 61 -4.44 14.89 1.58
N PRO E 62 -4.43 15.81 2.55
CA PRO E 62 -5.43 16.84 2.65
C PRO E 62 -5.69 17.61 1.35
N GLU E 63 -6.94 18.01 1.23
CA GLU E 63 -7.46 18.73 0.06
C GLU E 63 -6.62 19.94 -0.35
N ASP E 64 -6.05 20.73 0.57
CA ASP E 64 -5.50 21.98 0.00
C ASP E 64 -4.15 22.50 0.48
N ARG E 65 -3.65 22.22 1.68
CA ARG E 65 -2.38 22.93 2.00
C ARG E 65 -1.18 22.01 2.15
N PHE E 66 -1.33 20.76 1.76
CA PHE E 66 -0.28 19.76 1.97
C PHE E 66 0.37 19.39 0.65
N SER E 67 1.68 19.15 0.69
CA SER E 67 2.44 18.74 -0.48
C SER E 67 3.63 17.90 -0.01
N ALA E 68 4.11 17.03 -0.90
CA ALA E 68 5.23 16.17 -0.58
C ALA E 68 6.09 15.94 -1.81
N LYS E 69 7.41 16.02 -1.61
CA LYS E 69 8.39 15.70 -2.64
C LYS E 69 9.37 14.68 -2.08
N MET E 70 9.96 13.90 -2.99
CA MET E 70 11.09 13.03 -2.67
C MET E 70 12.16 13.30 -3.72
N PRO E 71 12.91 14.39 -3.57
CA PRO E 71 13.83 14.80 -4.64
C PRO E 71 14.87 13.75 -5.01
N ASN E 72 15.33 12.97 -4.04
CA ASN E 72 16.27 11.89 -4.31
C ASN E 72 16.05 10.82 -3.26
N ALA E 73 16.72 9.69 -3.46
CA ALA E 73 16.53 8.57 -2.55
C ALA E 73 16.89 8.89 -1.11
N SER E 74 17.58 10.03 -0.86
CA SER E 74 18.12 10.23 0.47
C SER E 74 17.18 10.99 1.40
N PHE E 75 16.19 11.71 0.87
CA PHE E 75 15.32 12.50 1.72
C PHE E 75 14.02 12.84 1.01
N SER E 76 12.99 13.07 1.82
CA SER E 76 11.69 13.53 1.36
C SER E 76 11.17 14.58 2.32
N THR E 77 10.48 15.57 1.80
CA THR E 77 9.90 16.63 2.62
C THR E 77 8.39 16.58 2.51
N LEU E 78 7.73 16.84 3.64
CA LEU E 78 6.29 17.07 3.68
C LEU E 78 6.08 18.52 4.10
N LYS E 79 5.31 19.27 3.33
CA LYS E 79 5.20 20.72 3.49
C LYS E 79 3.75 21.11 3.71
N ILE E 80 3.48 21.78 4.82
CA ILE E 80 2.17 22.36 5.10
C ILE E 80 2.25 23.85 4.88
N GLN E 81 1.29 24.41 4.14
CA GLN E 81 1.31 25.82 3.77
C GLN E 81 -0.10 26.31 3.42
N PRO E 82 -0.72 27.15 4.26
CA PRO E 82 -0.21 27.61 5.55
C PRO E 82 -0.64 26.72 6.71
N SER E 83 0.13 26.71 7.80
CA SER E 83 -0.18 25.84 8.92
C SER E 83 -1.46 26.31 9.62
N GLU E 84 -2.14 25.35 10.24
CA GLU E 84 -3.38 25.58 10.97
C GLU E 84 -3.41 24.69 12.21
N PRO E 85 -4.07 25.12 13.28
CA PRO E 85 -4.12 24.29 14.50
C PRO E 85 -4.65 22.88 14.26
N ARG E 86 -5.55 22.69 13.29
CA ARG E 86 -6.04 21.35 13.02
C ARG E 86 -4.95 20.42 12.50
N ASP E 87 -3.83 20.97 12.06
CA ASP E 87 -2.71 20.17 11.58
C ASP E 87 -1.86 19.57 12.69
N SER E 88 -2.09 19.98 13.94
CA SER E 88 -1.29 19.48 15.06
C SER E 88 -1.42 17.97 15.16
N ALA E 89 -0.28 17.28 15.07
CA ALA E 89 -0.23 15.83 15.09
C ALA E 89 1.23 15.40 15.15
N VAL E 90 1.45 14.11 15.32
CA VAL E 90 2.77 13.50 15.16
C VAL E 90 2.83 12.93 13.75
N TYR E 91 3.85 13.35 13.00
CA TYR E 91 4.00 12.96 11.59
C TYR E 91 5.14 11.96 11.49
N PHE E 92 4.79 10.71 11.21
CA PHE E 92 5.76 9.63 11.14
C PHE E 92 6.21 9.39 9.71
N CYS E 93 7.46 8.94 9.58
CA CYS E 93 8.03 8.52 8.32
C CYS E 93 8.46 7.06 8.44
N ALA E 94 8.19 6.28 7.40
CA ALA E 94 8.63 4.90 7.35
C ALA E 94 9.20 4.58 5.98
N SER E 95 10.17 3.67 5.95
CA SER E 95 10.77 3.24 4.69
C SER E 95 10.77 1.73 4.61
N THR E 96 10.70 1.22 3.38
CA THR E 96 10.81 -0.20 3.08
C THR E 96 11.83 -0.39 1.96
N TRP E 97 12.17 -1.65 1.70
CA TRP E 97 13.10 -1.95 0.61
C TRP E 97 12.53 -1.56 -0.74
N GLY E 98 11.20 -1.57 -0.88
CA GLY E 98 10.57 -1.15 -2.11
C GLY E 98 10.42 -2.21 -3.18
N ARG E 99 10.42 -3.49 -2.82
CA ARG E 99 10.19 -4.56 -3.78
C ARG E 99 8.76 -5.07 -3.79
N ALA E 100 8.00 -4.86 -2.72
CA ALA E 100 6.60 -5.26 -2.66
C ALA E 100 5.91 -4.46 -1.56
N SER E 101 4.61 -4.22 -1.74
CA SER E 101 3.86 -3.44 -0.76
C SER E 101 3.67 -4.19 0.55
N THR E 102 4.11 -5.44 0.64
CA THR E 102 4.06 -6.19 1.89
C THR E 102 5.40 -6.21 2.61
N ASP E 103 6.44 -5.56 2.06
CA ASP E 103 7.67 -5.35 2.81
C ASP E 103 7.36 -4.73 4.17
N THR E 104 8.04 -5.19 5.20
CA THR E 104 7.82 -4.61 6.52
C THR E 104 8.31 -3.17 6.53
N GLN E 105 7.56 -2.31 7.22
CA GLN E 105 7.82 -0.88 7.24
C GLN E 105 8.61 -0.53 8.49
N TYR E 106 9.66 0.28 8.32
CA TYR E 106 10.55 0.67 9.39
C TYR E 106 10.29 2.13 9.71
N PHE E 107 9.77 2.40 10.91
CA PHE E 107 9.26 3.70 11.27
C PHE E 107 10.32 4.58 11.92
N GLY E 108 10.15 5.89 11.78
CA GLY E 108 11.00 6.86 12.43
C GLY E 108 10.45 7.28 13.77
N PRO E 109 11.22 8.07 14.52
CA PRO E 109 10.74 8.53 15.84
C PRO E 109 9.55 9.47 15.76
N GLY E 110 9.24 10.01 14.58
CA GLY E 110 8.16 10.96 14.44
C GLY E 110 8.63 12.40 14.62
N THR E 111 7.78 13.31 14.18
CA THR E 111 7.94 14.74 14.44
C THR E 111 6.61 15.27 14.95
N ARG E 112 6.58 15.65 16.22
CA ARG E 112 5.37 16.20 16.82
C ARG E 112 5.27 17.69 16.45
N LEU E 113 4.23 18.03 15.71
CA LEU E 113 3.98 19.41 15.29
C LEU E 113 2.81 19.98 16.07
N THR E 114 3.00 21.16 16.65
CA THR E 114 1.95 21.89 17.33
C THR E 114 1.80 23.25 16.66
N VAL E 115 0.61 23.52 16.15
CA VAL E 115 0.27 24.81 15.55
C VAL E 115 -0.62 25.55 16.54
N LEU E 116 -0.11 26.64 17.08
CA LEU E 116 -0.84 27.46 18.04
C LEU E 116 -1.51 28.64 17.33
N GLU E 117 -2.58 29.16 17.94
CA GLU E 117 -3.25 30.33 17.37
C GLU E 117 -2.36 31.56 17.44
N ASP E 118 -1.62 31.72 18.53
CA ASP E 118 -0.50 32.65 18.59
C ASP E 118 0.47 32.18 19.66
N LEU E 119 1.67 32.74 19.63
CA LEU E 119 2.76 32.30 20.49
C LEU E 119 2.83 33.03 21.83
N LYS E 120 1.86 33.90 22.12
CA LYS E 120 1.94 34.74 23.31
C LYS E 120 1.94 33.95 24.62
N ASN E 121 1.56 32.66 24.61
CA ASN E 121 1.46 31.86 25.82
C ASN E 121 2.52 30.78 25.90
N VAL E 122 3.56 30.85 25.07
CA VAL E 122 4.64 29.87 25.10
C VAL E 122 5.59 30.22 26.23
N PHE E 123 5.86 29.25 27.10
CA PHE E 123 6.67 29.46 28.31
C PHE E 123 7.71 28.37 28.44
N PRO E 124 8.97 28.71 28.71
CA PRO E 124 9.98 27.68 28.98
C PRO E 124 9.76 27.06 30.34
N PRO E 125 10.31 25.88 30.61
CA PRO E 125 10.15 25.26 31.92
C PRO E 125 11.21 25.70 32.92
N GLU E 126 10.79 25.76 34.18
CA GLU E 126 11.70 25.87 35.31
C GLU E 126 11.92 24.48 35.89
N VAL E 127 13.15 24.20 36.30
CA VAL E 127 13.55 22.86 36.70
C VAL E 127 14.23 22.90 38.06
N ALA E 128 13.88 21.95 38.92
CA ALA E 128 14.49 21.81 40.23
C ALA E 128 14.65 20.35 40.58
N VAL E 129 15.78 20.01 41.22
CA VAL E 129 16.02 18.67 41.74
C VAL E 129 15.87 18.72 43.26
N PHE E 130 15.23 17.68 43.81
CA PHE E 130 14.96 17.59 45.23
C PHE E 130 15.64 16.35 45.80
N GLU E 131 16.54 16.57 46.76
CA GLU E 131 17.37 15.49 47.26
C GLU E 131 16.54 14.51 48.11
N PRO E 132 16.94 13.25 48.15
CA PRO E 132 16.12 12.23 48.83
C PRO E 132 15.93 12.49 50.31
N SER E 133 14.75 12.13 50.81
CA SER E 133 14.52 12.10 52.25
C SER E 133 15.40 11.04 52.91
N GLU E 134 16.03 11.45 54.00
CA GLU E 134 16.93 10.60 54.81
C GLU E 134 16.09 9.65 55.64
N ALA E 135 14.86 10.01 55.92
CA ALA E 135 13.92 9.05 56.50
C ALA E 135 13.66 7.90 55.54
N GLU E 136 13.64 8.19 54.23
CA GLU E 136 13.55 7.12 53.22
C GLU E 136 14.82 6.29 53.19
N ILE E 137 15.98 6.95 53.30
CA ILE E 137 17.25 6.23 53.29
C ILE E 137 17.35 5.29 54.48
N SER E 138 16.89 5.75 55.65
CA SER E 138 16.99 4.91 56.84
C SER E 138 16.00 3.75 56.80
N HIS E 139 14.80 3.99 56.24
CA HIS E 139 13.76 2.97 56.27
C HIS E 139 13.94 1.93 55.17
N THR E 140 14.35 2.34 53.96
CA THR E 140 14.35 1.44 52.81
C THR E 140 15.73 1.11 52.26
N GLN E 141 16.79 1.79 52.70
CA GLN E 141 18.12 1.68 52.10
C GLN E 141 18.11 2.06 50.63
N LYS E 142 17.10 2.82 50.20
CA LYS E 142 17.00 3.35 48.85
C LYS E 142 16.83 4.85 48.92
N ALA E 143 17.09 5.52 47.79
CA ALA E 143 17.08 6.98 47.74
C ALA E 143 16.38 7.45 46.48
N THR E 144 15.26 8.16 46.64
CA THR E 144 14.49 8.67 45.51
C THR E 144 14.73 10.16 45.35
N LEU E 145 15.40 10.55 44.27
CA LEU E 145 15.41 11.94 43.86
C LEU E 145 14.13 12.29 43.11
N VAL E 146 13.83 13.58 43.04
CA VAL E 146 12.65 14.06 42.33
C VAL E 146 13.03 15.30 41.55
N CYS E 147 12.50 15.41 40.33
CA CYS E 147 12.74 16.54 39.44
C CYS E 147 11.40 17.12 39.04
N LEU E 148 11.26 18.43 39.18
CA LEU E 148 10.03 19.14 38.85
C LEU E 148 10.30 20.05 37.66
N ALA E 149 9.50 19.88 36.59
CA ALA E 149 9.53 20.75 35.43
C ALA E 149 8.26 21.58 35.47
N THR E 150 8.38 22.88 35.70
CA THR E 150 7.24 23.71 36.06
C THR E 150 7.00 24.83 35.06
N GLY E 151 5.72 25.17 34.90
CA GLY E 151 5.28 26.36 34.18
C GLY E 151 5.68 26.46 32.73
N PHE E 152 5.60 25.38 31.98
CA PHE E 152 5.95 25.40 30.56
C PHE E 152 4.70 25.26 29.71
N TYR E 153 4.82 25.68 28.44
CA TYR E 153 3.75 25.61 27.46
C TYR E 153 4.35 25.85 26.09
N PRO E 154 3.98 25.09 25.06
CA PRO E 154 3.05 23.95 25.17
C PRO E 154 3.73 22.70 25.72
N ASP E 155 3.08 21.55 25.61
CA ASP E 155 3.54 20.31 26.23
C ASP E 155 4.66 19.67 25.41
N HIS E 156 5.75 20.42 25.24
CA HIS E 156 6.86 20.03 24.38
C HIS E 156 8.13 19.95 25.21
N VAL E 157 8.18 19.01 26.16
CA VAL E 157 9.35 18.83 27.01
C VAL E 157 9.83 17.38 26.89
N GLU E 158 11.13 17.20 27.06
CA GLU E 158 11.79 15.90 27.03
C GLU E 158 12.68 15.80 28.25
N LEU E 159 12.24 15.04 29.25
CA LEU E 159 12.95 14.93 30.53
C LEU E 159 13.85 13.71 30.54
N SER E 160 15.12 13.92 30.87
CA SER E 160 16.10 12.85 31.01
C SER E 160 16.89 13.05 32.29
N TRP E 161 17.35 11.95 32.87
CA TRP E 161 18.25 11.96 34.01
C TRP E 161 19.67 11.65 33.55
N TRP E 162 20.66 12.25 34.23
CA TRP E 162 22.06 12.14 33.81
C TRP E 162 22.93 11.94 35.05
N VAL E 163 23.39 10.70 35.25
CA VAL E 163 24.26 10.36 36.37
C VAL E 163 25.69 10.22 35.84
N ASN E 164 26.57 11.12 36.29
CA ASN E 164 27.98 11.08 35.93
C ASN E 164 28.19 11.13 34.41
N GLY E 165 27.36 11.95 33.75
CA GLY E 165 27.52 12.21 32.33
C GLY E 165 26.78 11.26 31.41
N LYS E 166 26.30 10.13 31.93
CA LYS E 166 25.64 9.12 31.11
C LYS E 166 24.15 9.13 31.43
N GLU E 167 23.33 9.13 30.37
CA GLU E 167 21.88 9.14 30.54
C GLU E 167 21.41 7.83 31.17
N VAL E 168 20.47 7.94 32.11
CA VAL E 168 19.99 6.79 32.88
C VAL E 168 18.50 6.61 32.64
N HIS E 169 18.11 5.37 32.34
CA HIS E 169 16.71 4.99 32.24
C HIS E 169 16.27 4.08 33.39
N SER E 170 17.20 3.33 33.97
CA SER E 170 16.85 2.38 35.02
C SER E 170 16.61 3.11 36.33
N GLY E 171 15.49 2.79 36.98
CA GLY E 171 15.10 3.47 38.19
C GLY E 171 14.44 4.80 37.97
N VAL E 172 14.11 5.15 36.74
CA VAL E 172 13.49 6.42 36.42
C VAL E 172 12.01 6.22 36.17
N CYS E 173 11.23 7.23 36.53
CA CYS E 173 9.79 7.22 36.25
C CYS E 173 9.37 8.66 36.02
N THR E 174 8.86 8.95 34.83
CA THR E 174 8.36 10.28 34.48
C THR E 174 6.87 10.18 34.20
N ASP E 175 6.12 11.20 34.65
CA ASP E 175 4.67 11.24 34.47
C ASP E 175 4.31 11.07 32.99
N PRO E 176 3.39 10.17 32.65
CA PRO E 176 2.93 10.10 31.25
C PRO E 176 2.17 11.34 30.81
N GLN E 177 1.43 11.99 31.71
CA GLN E 177 0.74 13.23 31.40
C GLN E 177 1.24 14.36 32.30
N PRO E 178 1.38 15.57 31.77
CA PRO E 178 1.52 16.74 32.64
C PRO E 178 0.18 17.06 33.28
N LEU E 179 0.20 18.02 34.20
CA LEU E 179 -1.03 18.57 34.72
C LEU E 179 -0.98 20.08 34.64
N LYS E 180 -2.15 20.70 34.73
CA LYS E 180 -2.29 22.15 34.59
C LYS E 180 -2.04 22.81 35.93
N GLU E 181 -1.19 23.85 35.92
CA GLU E 181 -0.93 24.61 37.13
C GLU E 181 -2.15 25.42 37.56
N GLN E 182 -2.97 25.83 36.60
CA GLN E 182 -4.24 26.48 36.84
C GLN E 182 -5.28 25.72 36.03
N PRO E 183 -5.86 24.66 36.57
CA PRO E 183 -6.72 23.78 35.76
C PRO E 183 -7.96 24.47 35.21
N ALA E 184 -8.30 25.66 35.71
CA ALA E 184 -9.44 26.40 35.17
C ALA E 184 -9.15 26.99 33.80
N LEU E 185 -7.89 27.08 33.40
CA LEU E 185 -7.51 27.74 32.16
C LEU E 185 -7.22 26.71 31.07
N ASN E 186 -7.56 27.06 29.83
CA ASN E 186 -7.25 26.18 28.71
C ASN E 186 -5.80 26.35 28.26
N ASP E 187 -5.34 27.60 28.20
CA ASP E 187 -3.94 27.89 27.89
C ASP E 187 -3.04 27.77 29.11
N SER E 188 -3.48 27.08 30.15
CA SER E 188 -2.71 26.98 31.38
C SER E 188 -1.38 26.30 31.15
N ARG E 189 -0.35 26.79 31.84
CA ARG E 189 0.96 26.17 31.76
C ARG E 189 0.97 24.84 32.49
N TYR E 190 1.98 24.02 32.18
CA TYR E 190 2.03 22.63 32.59
C TYR E 190 3.17 22.40 33.58
N ALA E 191 3.03 21.33 34.37
CA ALA E 191 4.06 20.87 35.29
C ALA E 191 4.24 19.38 35.12
N LEU E 192 5.48 18.92 35.24
CA LEU E 192 5.80 17.52 35.03
C LEU E 192 6.81 17.08 36.08
N SER E 193 6.60 15.91 36.67
CA SER E 193 7.53 15.41 37.67
C SER E 193 8.20 14.12 37.20
N SER E 194 9.30 13.79 37.87
CA SER E 194 10.07 12.60 37.56
C SER E 194 10.85 12.18 38.78
N ARG E 195 10.86 10.87 39.03
CA ARG E 195 11.61 10.26 40.11
C ARG E 195 12.76 9.44 39.55
N LEU E 196 13.87 9.44 40.27
CA LEU E 196 15.02 8.58 40.02
C LEU E 196 15.38 7.94 41.34
N ARG E 197 15.32 6.60 41.41
CA ARG E 197 15.56 5.87 42.64
C ARG E 197 16.87 5.10 42.53
N VAL E 198 17.82 5.41 43.41
CA VAL E 198 19.07 4.71 43.52
C VAL E 198 19.14 4.05 44.90
N SER E 199 20.10 3.16 45.06
CA SER E 199 20.33 2.60 46.39
C SER E 199 20.95 3.66 47.30
N ALA E 200 20.79 3.46 48.61
CA ALA E 200 21.26 4.45 49.57
C ALA E 200 22.76 4.66 49.47
N THR E 201 23.52 3.58 49.31
CA THR E 201 24.98 3.71 49.25
C THR E 201 25.42 4.50 48.03
N PHE E 202 24.69 4.38 46.91
CA PHE E 202 25.05 5.12 45.71
C PHE E 202 24.83 6.62 45.89
N TRP E 203 23.68 6.98 46.46
CA TRP E 203 23.42 8.40 46.75
C TRP E 203 24.31 8.91 47.88
N GLN E 204 24.72 8.04 48.80
CA GLN E 204 25.61 8.45 49.88
C GLN E 204 27.04 8.69 49.42
N ASN E 205 27.34 8.50 48.14
CA ASN E 205 28.68 8.73 47.62
C ASN E 205 28.81 10.20 47.22
N PRO E 206 29.65 10.98 47.91
CA PRO E 206 29.71 12.42 47.61
C PRO E 206 30.21 12.73 46.21
N ARG E 207 30.72 11.74 45.48
CA ARG E 207 31.28 11.95 44.16
C ARG E 207 30.31 11.64 43.03
N ASN E 208 29.14 11.08 43.34
CA ASN E 208 28.12 10.83 42.33
C ASN E 208 27.39 12.13 41.98
N HIS E 209 27.18 12.34 40.69
CA HIS E 209 26.59 13.56 40.18
C HIS E 209 25.26 13.23 39.49
N PHE E 210 24.21 13.97 39.84
CA PHE E 210 22.87 13.73 39.34
C PHE E 210 22.36 15.01 38.69
N ARG E 211 22.08 14.94 37.39
CA ARG E 211 21.53 16.08 36.67
C ARG E 211 20.16 15.70 36.09
N CYS E 212 19.20 16.59 36.26
CA CYS E 212 17.92 16.47 35.58
C CYS E 212 17.91 17.47 34.43
N GLN E 213 17.73 16.97 33.22
CA GLN E 213 17.78 17.77 32.00
C GLN E 213 16.41 17.75 31.36
N VAL E 214 15.91 18.92 31.00
CA VAL E 214 14.61 19.05 30.36
C VAL E 214 14.82 19.78 29.03
N GLN E 215 14.69 19.06 27.93
CA GLN E 215 14.71 19.69 26.61
C GLN E 215 13.33 20.28 26.33
N PHE E 216 13.29 21.57 26.06
CA PHE E 216 12.08 22.30 25.72
C PHE E 216 12.15 22.74 24.27
N TYR E 217 11.06 22.59 23.54
CA TYR E 217 10.99 23.02 22.15
C TYR E 217 10.04 24.20 22.07
N GLY E 218 10.59 25.35 21.69
CA GLY E 218 9.80 26.56 21.63
C GLY E 218 10.01 27.29 20.32
N LEU E 219 10.24 28.60 20.39
CA LEU E 219 10.39 29.40 19.19
C LEU E 219 11.81 29.31 18.65
N SER E 220 11.93 29.42 17.33
CA SER E 220 13.20 29.81 16.74
C SER E 220 13.44 31.29 17.00
N GLU E 221 14.63 31.72 16.60
CA GLU E 221 15.09 33.12 16.66
C GLU E 221 14.60 33.83 15.40
N ASN E 222 14.06 33.06 14.48
CA ASN E 222 13.37 33.63 13.33
C ASN E 222 11.93 34.03 13.65
N ASP E 223 11.31 33.41 14.67
CA ASP E 223 10.02 33.86 15.17
C ASP E 223 10.17 35.24 15.80
N GLU E 224 9.12 36.04 15.67
CA GLU E 224 9.09 37.37 16.25
C GLU E 224 8.60 37.30 17.70
N TRP E 225 9.04 38.26 18.51
CA TRP E 225 8.73 38.26 19.94
C TRP E 225 8.71 39.68 20.48
N THR E 226 7.63 40.05 21.17
CA THR E 226 7.47 41.40 21.72
C THR E 226 6.76 41.36 23.07
N GLN E 227 7.10 40.40 23.93
CA GLN E 227 6.49 40.28 25.25
C GLN E 227 7.51 40.62 26.33
N ASP E 228 7.00 40.93 27.52
CA ASP E 228 7.81 41.45 28.62
C ASP E 228 8.52 40.33 29.38
N ARG E 229 9.15 39.42 28.66
CA ARG E 229 9.90 38.33 29.27
C ARG E 229 10.86 37.78 28.22
N ALA E 230 11.75 36.88 28.66
CA ALA E 230 12.70 36.27 27.74
C ALA E 230 11.96 35.49 26.67
N LYS E 231 12.44 35.62 25.44
CA LYS E 231 11.90 34.86 24.33
C LYS E 231 11.94 33.36 24.65
N PRO E 232 10.83 32.65 24.57
CA PRO E 232 10.80 31.22 24.94
C PRO E 232 11.33 30.32 23.84
N VAL E 233 12.62 30.46 23.53
CA VAL E 233 13.21 29.71 22.43
C VAL E 233 13.47 28.27 22.86
N THR E 234 13.67 27.41 21.87
CA THR E 234 14.10 26.04 22.11
C THR E 234 15.38 26.04 22.93
N GLN E 235 15.37 25.32 24.05
CA GLN E 235 16.50 25.40 24.98
C GLN E 235 16.51 24.18 25.89
N ILE E 236 17.59 24.07 26.66
CA ILE E 236 17.72 23.08 27.71
C ILE E 236 17.76 23.82 29.05
N VAL E 237 17.03 23.30 30.03
CA VAL E 237 17.07 23.77 31.40
C VAL E 237 17.43 22.57 32.27
N SER E 238 18.45 22.76 33.12
CA SER E 238 18.96 21.69 33.97
C SER E 238 18.89 22.10 35.44
N ALA E 239 18.78 21.08 36.29
CA ALA E 239 19.05 21.21 37.72
C ALA E 239 19.85 20.00 38.14
N GLU E 240 20.65 20.15 39.19
CA GLU E 240 21.58 19.09 39.57
C GLU E 240 21.69 19.01 41.09
N ALA E 241 22.43 18.01 41.54
CA ALA E 241 22.68 17.72 42.95
C ALA E 241 23.73 16.62 43.04
N TRP E 242 24.59 16.71 44.04
CA TRP E 242 25.61 15.69 44.27
C TRP E 242 25.19 14.75 45.39
N GLY E 243 25.92 13.65 45.51
CA GLY E 243 25.69 12.73 46.61
C GLY E 243 26.08 13.34 47.94
N ARG E 244 25.36 12.92 48.99
CA ARG E 244 25.57 13.45 50.34
C ARG E 244 25.89 12.31 51.29
N ALA E 245 27.06 12.36 51.91
CA ALA E 245 27.42 11.38 52.92
C ALA E 245 26.48 11.44 54.12
N ASP E 246 26.11 12.65 54.53
CA ASP E 246 25.24 12.84 55.68
C ASP E 246 24.18 13.91 55.40
O1 PG4 F . 3.12 -17.98 -21.63
C1 PG4 F . 2.35 -19.10 -21.30
C2 PG4 F . 1.55 -18.79 -20.04
O2 PG4 F . 0.18 -18.88 -20.34
C3 PG4 F . -0.34 -17.69 -20.89
C4 PG4 F . -1.59 -17.98 -21.70
O3 PG4 F . -2.26 -16.76 -21.91
C5 PG4 F . -1.98 -16.13 -23.12
C6 PG4 F . -1.88 -14.62 -22.92
O4 PG4 F . -0.66 -14.17 -23.46
C7 PG4 F . 0.11 -13.42 -22.56
C8 PG4 F . 1.52 -13.14 -23.12
O5 PG4 F . 2.45 -14.03 -22.56
#